data_7KCK
#
_entry.id   7KCK
#
_cell.length_a   1.00
_cell.length_b   1.00
_cell.length_c   1.00
_cell.angle_alpha   90.00
_cell.angle_beta   90.00
_cell.angle_gamma   90.00
#
_symmetry.space_group_name_H-M   'P 1'
#
loop_
_entity.id
_entity.type
_entity.pdbx_description
1 polymer 'Heat shock protein 75 kDa, mitochondrial'
2 non-polymer 'MAGNESIUM ION'
3 non-polymer 'POTASSIUM ION'
4 non-polymer 'PHOSPHOAMINOPHOSPHONIC ACID-ADENYLATE ESTER'
#
_entity_poly.entity_id   1
_entity_poly.type   'polypeptide(L)'
_entity_poly.pdbx_seq_one_letter_code
;GIDPFTSTQTAEDKEEPLHSIISSTESVQGSTSKHEFQAETKKLLDIVARSLYSEKEVFIRELISNASDALEKLRHKLVS
DGQALPEMEIHLQTNAEKGTITIQDTGIGMTQEELVSNLGTIARSGSKAFLDALQNQAEASSKIIGQFGVGFYSAFMVAD
RVEVYSRSAAPGSLGYQWLSDGSGVFEIAEASGVRTGTKIIIHLKSDCKEFSSEARVRDVVTKYSNFVSFPLYLNGRRMN
TLQAIWMMDPKDVGEWQHEEFYRYVAQAHDKPRYTLHYKTDAPLNIRSIFYVPDMKPSMFDVSRELGSSVALYSRKVLIQ
TKATDILPKWLRFIRGVVDSEDIPLNLSRELLQESALIRKLRDVLQQRLIKFFIDQSKKDAEKYAKFFEDYGLFMREGIV
TATEQEVKEDIAKLLRYESSALPSGQLTSLSEYASRMRAGTRNIYYLCAPNRHLAEHSPYYEAMKKKDTEVLFCFEQFDE
LTLLHLREFDKKKLISVETDIVVDHYKEEKFEDRSPAAECLSEKETEELMAWMRNVLGSRVTNVKVTLRLDTHPAMVTVL
EMGAARHFLRMQQLAKTQEERAQLLQPTLEINPRHALIKKLNQLRASEPGLAQLLVDQIYENAMIAAGLVDDPRAMVGRL
NELLVKALERH
;
_entity_poly.pdbx_strand_id   A,B
#
loop_
_chem_comp.id
_chem_comp.type
_chem_comp.name
_chem_comp.formula
ANP non-polymer 'PHOSPHOAMINOPHOSPHONIC ACID-ADENYLATE ESTER' 'C10 H17 N6 O12 P3'
K non-polymer 'POTASSIUM ION' 'K 1'
MG non-polymer 'MAGNESIUM ION' 'Mg 2'
#
# COMPACT_ATOMS: atom_id res chain seq x y z
N PRO A 17 12.15 29.91 31.88
CA PRO A 17 11.23 31.06 31.92
C PRO A 17 10.95 31.64 30.53
N LEU A 18 10.10 32.66 30.48
CA LEU A 18 9.75 33.27 29.21
C LEU A 18 10.97 33.97 28.60
N HIS A 19 11.14 33.80 27.29
CA HIS A 19 12.26 34.42 26.58
C HIS A 19 11.79 34.72 25.16
N SER A 20 11.40 35.97 24.92
CA SER A 20 10.95 36.41 23.60
C SER A 20 11.52 37.79 23.31
N ILE A 21 11.72 38.08 22.02
CA ILE A 21 12.22 39.36 21.56
C ILE A 21 11.20 40.11 20.71
N ILE A 22 9.96 39.62 20.66
CA ILE A 22 8.90 40.29 19.91
C ILE A 22 8.42 41.49 20.71
N SER A 23 8.36 42.65 20.06
CA SER A 23 7.96 43.88 20.71
C SER A 23 7.25 44.77 19.71
N SER A 24 6.53 45.77 20.22
CA SER A 24 5.77 46.70 19.41
C SER A 24 6.21 48.14 19.65
N THR A 25 7.52 48.33 19.84
CA THR A 25 8.11 49.65 19.96
C THR A 25 8.54 50.21 18.60
N GLU A 26 7.89 49.76 17.53
CA GLU A 26 8.33 50.03 16.17
C GLU A 26 7.21 50.73 15.40
N SER A 27 7.58 51.76 14.65
CA SER A 27 6.63 52.60 13.93
C SER A 27 7.06 52.77 12.48
N VAL A 28 6.29 53.52 11.72
CA VAL A 28 6.56 53.80 10.31
C VAL A 28 6.81 55.29 10.16
N GLN A 29 7.97 55.64 9.62
CA GLN A 29 8.38 57.03 9.46
C GLN A 29 8.85 57.34 8.04
N GLY A 30 8.51 56.50 7.06
CA GLY A 30 8.91 56.68 5.70
C GLY A 30 7.77 57.14 4.80
N SER A 31 8.01 57.03 3.50
CA SER A 31 7.04 57.39 2.48
C SER A 31 6.51 56.13 1.82
N THR A 32 5.19 56.00 1.77
CA THR A 32 4.55 54.81 1.20
C THR A 32 4.76 54.82 -0.30
N SER A 33 5.64 53.95 -0.80
CA SER A 33 5.90 53.84 -2.21
C SER A 33 4.86 52.92 -2.87
N LYS A 34 4.90 52.85 -4.19
CA LYS A 34 3.95 52.06 -4.98
C LYS A 34 4.74 51.20 -5.95
N HIS A 35 4.96 49.94 -5.58
CA HIS A 35 5.66 48.99 -6.42
C HIS A 35 4.72 47.87 -6.81
N GLU A 36 4.72 47.52 -8.10
CA GLU A 36 3.95 46.40 -8.60
C GLU A 36 4.81 45.14 -8.58
N PHE A 37 4.18 44.00 -8.28
CA PHE A 37 4.90 42.74 -8.23
C PHE A 37 5.53 42.42 -9.58
N GLN A 38 6.76 41.94 -9.54
CA GLN A 38 7.51 41.55 -10.73
C GLN A 38 7.63 40.04 -10.79
N ALA A 39 8.17 39.56 -11.91
CA ALA A 39 8.41 38.12 -12.08
C ALA A 39 9.43 37.94 -13.19
N GLU A 40 10.60 37.41 -12.85
CA GLU A 40 11.60 37.10 -13.86
C GLU A 40 11.21 35.80 -14.57
N THR A 41 11.37 35.80 -15.89
CA THR A 41 10.84 34.72 -16.71
C THR A 41 11.81 33.58 -16.91
N LYS A 42 13.12 33.83 -16.88
CA LYS A 42 14.08 32.76 -17.06
C LYS A 42 13.94 31.70 -15.97
N LYS A 43 13.87 32.14 -14.71
CA LYS A 43 13.70 31.19 -13.62
C LYS A 43 12.32 30.56 -13.64
N LEU A 44 11.30 31.28 -14.11
CA LEU A 44 9.97 30.68 -14.22
C LEU A 44 9.98 29.54 -15.23
N LEU A 45 10.61 29.75 -16.40
CA LEU A 45 10.72 28.69 -17.38
C LEU A 45 11.54 27.53 -16.82
N ASP A 46 12.63 27.83 -16.12
CA ASP A 46 13.44 26.77 -15.52
C ASP A 46 12.63 25.96 -14.52
N ILE A 47 11.82 26.64 -13.70
CA ILE A 47 10.99 25.95 -12.71
C ILE A 47 9.97 25.07 -13.40
N VAL A 48 9.31 25.60 -14.44
CA VAL A 48 8.26 24.82 -15.12
C VAL A 48 8.87 23.60 -15.81
N ALA A 49 10.03 23.76 -16.43
CA ALA A 49 10.63 22.69 -17.22
C ALA A 49 11.60 21.82 -16.41
N ARG A 50 11.80 22.10 -15.14
CA ARG A 50 12.71 21.25 -14.38
C ARG A 50 12.11 20.75 -13.07
N SER A 51 11.32 21.57 -12.38
CA SER A 51 10.87 21.25 -11.03
C SER A 51 9.40 21.58 -10.86
N LEU A 52 8.58 21.22 -11.83
CA LEU A 52 7.13 21.41 -11.73
C LEU A 52 6.36 20.10 -11.83
N TYR A 53 6.67 19.27 -12.82
CA TYR A 53 5.95 18.02 -13.05
C TYR A 53 6.80 16.85 -12.59
N SER A 54 6.19 15.92 -11.86
CA SER A 54 6.92 14.78 -11.32
C SER A 54 7.49 13.91 -12.43
N GLU A 55 6.72 13.67 -13.47
CA GLU A 55 7.10 12.77 -14.55
C GLU A 55 7.34 13.55 -15.83
N LYS A 56 8.32 13.07 -16.61
CA LYS A 56 8.72 13.75 -17.83
C LYS A 56 7.71 13.58 -18.96
N GLU A 57 6.82 12.60 -18.85
CA GLU A 57 5.95 12.19 -19.95
C GLU A 57 4.69 13.03 -20.08
N VAL A 58 4.40 13.91 -19.12
CA VAL A 58 3.13 14.63 -19.12
C VAL A 58 3.05 15.75 -20.14
N PHE A 59 4.12 15.98 -20.91
CA PHE A 59 4.09 17.08 -21.87
C PHE A 59 3.12 16.79 -23.01
N ILE A 60 3.05 15.54 -23.48
CA ILE A 60 2.05 15.22 -24.50
C ILE A 60 0.66 15.26 -23.91
N ARG A 61 0.50 14.92 -22.62
CA ARG A 61 -0.80 15.07 -21.99
C ARG A 61 -1.25 16.52 -22.00
N GLU A 62 -0.35 17.44 -21.65
CA GLU A 62 -0.69 18.85 -21.67
C GLU A 62 -0.97 19.35 -23.09
N LEU A 63 -0.19 18.88 -24.06
CA LEU A 63 -0.43 19.28 -25.44
C LEU A 63 -1.77 18.78 -25.96
N ILE A 64 -2.14 17.54 -25.62
CA ILE A 64 -3.44 17.01 -26.01
C ILE A 64 -4.56 17.75 -25.30
N SER A 65 -4.33 18.16 -24.04
CA SER A 65 -5.32 18.97 -23.36
C SER A 65 -5.52 20.31 -24.05
N ASN A 66 -4.42 20.94 -24.48
CA ASN A 66 -4.54 22.19 -25.22
C ASN A 66 -5.26 21.99 -26.55
N ALA A 67 -4.98 20.89 -27.25
CA ALA A 67 -5.66 20.61 -28.51
C ALA A 67 -7.15 20.39 -28.28
N SER A 68 -7.50 19.66 -27.21
CA SER A 68 -8.91 19.45 -26.90
C SER A 68 -9.60 20.76 -26.55
N ASP A 69 -8.91 21.64 -25.81
CA ASP A 69 -9.47 22.96 -25.50
C ASP A 69 -9.70 23.76 -26.77
N ALA A 70 -8.75 23.73 -27.70
CA ALA A 70 -8.92 24.44 -28.96
C ALA A 70 -10.09 23.90 -29.76
N LEU A 71 -10.22 22.57 -29.80
CA LEU A 71 -11.34 21.96 -30.53
C LEU A 71 -12.67 22.32 -29.88
N GLU A 72 -12.73 22.33 -28.54
CA GLU A 72 -13.95 22.73 -27.85
C GLU A 72 -14.28 24.19 -28.15
N LYS A 73 -13.28 25.05 -28.17
CA LYS A 73 -13.51 26.46 -28.49
C LYS A 73 -14.07 26.60 -29.90
N LEU A 74 -13.48 25.90 -30.86
CA LEU A 74 -13.98 25.98 -32.23
C LEU A 74 -15.41 25.45 -32.33
N ARG A 75 -15.69 24.32 -31.67
CA ARG A 75 -17.04 23.76 -31.71
C ARG A 75 -18.06 24.73 -31.11
N HIS A 76 -17.72 25.32 -29.96
CA HIS A 76 -18.63 26.27 -29.32
C HIS A 76 -18.86 27.48 -30.20
N LYS A 77 -17.79 28.00 -30.82
CA LYS A 77 -17.95 29.15 -31.70
C LYS A 77 -18.83 28.81 -32.90
N LEU A 78 -18.63 27.64 -33.50
CA LEU A 78 -19.41 27.26 -34.66
C LEU A 78 -20.88 27.04 -34.31
N VAL A 79 -21.16 26.38 -33.19
CA VAL A 79 -22.56 26.17 -32.82
C VAL A 79 -23.23 27.48 -32.41
N SER A 80 -22.47 28.40 -31.80
CA SER A 80 -23.02 29.71 -31.49
C SER A 80 -23.34 30.48 -32.78
N ASP A 81 -22.45 30.39 -33.77
CA ASP A 81 -22.69 31.05 -35.05
C ASP A 81 -23.58 30.24 -35.98
N GLY A 82 -23.89 28.99 -35.63
CA GLY A 82 -24.87 28.21 -36.36
C GLY A 82 -24.53 27.78 -37.77
N GLN A 83 -23.32 27.27 -37.99
CA GLN A 83 -22.99 26.66 -39.27
C GLN A 83 -22.45 25.25 -39.09
N ALA A 84 -21.96 24.66 -40.18
CA ALA A 84 -21.60 23.24 -40.18
C ALA A 84 -20.37 23.00 -39.31
N LEU A 85 -20.20 21.73 -38.92
CA LEU A 85 -19.09 21.32 -38.08
C LEU A 85 -18.09 20.53 -38.91
N PRO A 86 -16.91 21.07 -39.20
CA PRO A 86 -15.94 20.33 -40.02
C PRO A 86 -15.19 19.28 -39.23
N GLU A 87 -14.22 18.63 -39.87
CA GLU A 87 -13.41 17.63 -39.19
C GLU A 87 -12.61 18.27 -38.06
N MET A 88 -12.70 17.68 -36.87
CA MET A 88 -12.00 18.18 -35.69
C MET A 88 -11.36 16.99 -34.98
N GLU A 89 -10.06 16.80 -35.21
CA GLU A 89 -9.34 15.66 -34.67
C GLU A 89 -7.97 16.10 -34.18
N ILE A 90 -7.40 15.31 -33.27
CA ILE A 90 -6.05 15.52 -32.77
C ILE A 90 -5.15 14.48 -33.41
N HIS A 91 -4.07 14.94 -34.05
CA HIS A 91 -3.16 14.06 -34.78
C HIS A 91 -1.79 14.11 -34.13
N LEU A 92 -1.38 13.00 -33.53
CA LEU A 92 -0.03 12.87 -32.98
C LEU A 92 0.86 12.19 -34.01
N GLN A 93 1.98 12.83 -34.32
CA GLN A 93 2.94 12.30 -35.28
C GLN A 93 4.29 12.15 -34.61
N THR A 94 4.96 11.03 -34.87
CA THR A 94 6.23 10.70 -34.23
C THR A 94 7.20 10.23 -35.30
N ASN A 95 8.29 10.97 -35.48
CA ASN A 95 9.33 10.65 -36.46
C ASN A 95 10.57 10.21 -35.71
N ALA A 96 10.84 8.91 -35.71
CA ALA A 96 12.01 8.39 -35.01
C ALA A 96 13.31 8.85 -35.65
N GLU A 97 13.35 8.90 -36.99
CA GLU A 97 14.57 9.30 -37.68
C GLU A 97 14.94 10.75 -37.38
N LYS A 98 13.95 11.64 -37.38
CA LYS A 98 14.20 13.05 -37.07
C LYS A 98 14.19 13.35 -35.59
N GLY A 99 13.76 12.41 -34.76
CA GLY A 99 13.69 12.65 -33.32
C GLY A 99 12.71 13.73 -32.94
N THR A 100 11.55 13.78 -33.61
CA THR A 100 10.55 14.80 -33.36
C THR A 100 9.20 14.15 -33.09
N ILE A 101 8.42 14.78 -32.22
CA ILE A 101 7.03 14.41 -31.99
C ILE A 101 6.16 15.60 -32.37
N THR A 102 5.15 15.35 -33.19
CA THR A 102 4.30 16.39 -33.73
C THR A 102 2.87 16.16 -33.29
N ILE A 103 2.24 17.20 -32.73
CA ILE A 103 0.82 17.18 -32.40
C ILE A 103 0.15 18.30 -33.18
N GLN A 104 -0.94 17.97 -33.86
CA GLN A 104 -1.68 18.94 -34.64
C GLN A 104 -3.17 18.71 -34.48
N ASP A 105 -3.91 19.78 -34.21
CA ASP A 105 -5.35 19.75 -34.12
C ASP A 105 -5.94 20.71 -35.13
N THR A 106 -7.26 20.71 -35.23
CA THR A 106 -7.99 21.61 -36.11
C THR A 106 -8.86 22.53 -35.26
N GLY A 107 -8.29 23.07 -34.19
CA GLY A 107 -9.01 23.90 -33.25
C GLY A 107 -9.25 25.31 -33.77
N ILE A 108 -9.41 26.24 -32.83
CA ILE A 108 -9.67 27.63 -33.19
C ILE A 108 -8.49 28.22 -33.96
N GLY A 109 -7.27 27.98 -33.48
CA GLY A 109 -6.10 28.63 -34.03
C GLY A 109 -5.76 29.91 -33.27
N MET A 110 -4.58 30.43 -33.57
CA MET A 110 -4.07 31.59 -32.84
C MET A 110 -3.44 32.57 -33.82
N THR A 111 -3.67 33.85 -33.58
CA THR A 111 -3.20 34.93 -34.42
C THR A 111 -1.90 35.51 -33.86
N GLN A 112 -1.47 36.64 -34.43
CA GLN A 112 -0.25 37.30 -33.98
C GLN A 112 -0.35 37.70 -32.52
N GLU A 113 -1.26 38.62 -32.20
CA GLU A 113 -1.40 39.05 -30.81
C GLU A 113 -1.89 37.93 -29.92
N GLU A 114 -2.68 36.99 -30.46
CA GLU A 114 -3.10 35.84 -29.68
C GLU A 114 -1.91 34.98 -29.27
N LEU A 115 -1.02 34.69 -30.22
CA LEU A 115 0.18 33.93 -29.90
C LEU A 115 1.05 34.67 -28.90
N VAL A 116 1.22 35.98 -29.11
CA VAL A 116 2.07 36.76 -28.20
C VAL A 116 1.51 36.75 -26.79
N SER A 117 0.19 36.92 -26.66
CA SER A 117 -0.42 37.02 -25.34
C SER A 117 -0.46 35.66 -24.64
N ASN A 118 -0.82 34.60 -25.36
CA ASN A 118 -0.99 33.30 -24.71
C ASN A 118 0.35 32.57 -24.57
N LEU A 119 1.04 32.33 -25.68
CA LEU A 119 2.27 31.55 -25.63
C LEU A 119 3.39 32.32 -24.94
N GLY A 120 3.47 33.62 -25.17
CA GLY A 120 4.57 34.41 -24.68
C GLY A 120 4.46 34.90 -23.25
N THR A 121 3.38 34.56 -22.54
CA THR A 121 3.17 35.02 -21.17
C THR A 121 2.97 33.82 -20.26
N ILE A 122 3.73 33.78 -19.16
CA ILE A 122 3.57 32.72 -18.18
C ILE A 122 2.29 32.94 -17.39
N ALA A 123 1.56 31.84 -17.14
CA ALA A 123 0.32 31.79 -16.40
C ALA A 123 -0.85 32.48 -17.10
N ARG A 124 -0.64 33.02 -18.30
CA ARG A 124 -1.72 33.63 -19.06
C ARG A 124 -2.35 32.57 -19.95
N SER A 125 -3.59 32.21 -19.66
CA SER A 125 -4.32 31.19 -20.39
C SER A 125 -5.51 31.82 -21.09
N GLY A 126 -5.63 31.59 -22.39
CA GLY A 126 -6.81 32.03 -23.12
C GLY A 126 -8.03 31.20 -22.82
N SER A 127 -7.84 29.97 -22.33
CA SER A 127 -8.97 29.13 -21.97
C SER A 127 -9.76 29.73 -20.82
N LYS A 128 -9.07 30.27 -19.81
CA LYS A 128 -9.76 30.90 -18.70
C LYS A 128 -10.54 32.12 -19.15
N ALA A 129 -9.94 32.94 -20.02
CA ALA A 129 -10.63 34.12 -20.54
C ALA A 129 -11.85 33.71 -21.35
N PHE A 130 -11.73 32.65 -22.16
CA PHE A 130 -12.87 32.15 -22.92
C PHE A 130 -13.97 31.65 -21.98
N LEU A 131 -13.59 30.98 -20.90
CA LEU A 131 -14.56 30.49 -19.94
C LEU A 131 -15.29 31.64 -19.24
N ASP A 132 -14.55 32.69 -18.89
CA ASP A 132 -15.18 33.83 -18.22
C ASP A 132 -16.18 34.53 -19.13
N ALA A 133 -15.94 34.51 -20.44
CA ALA A 133 -16.85 35.12 -21.41
C ALA A 133 -17.90 34.14 -21.92
N LEU A 134 -18.24 33.12 -21.14
CA LEU A 134 -19.20 32.10 -21.54
C LEU A 134 -20.57 32.32 -20.92
N GLN A 135 -20.62 32.79 -19.67
CA GLN A 135 -21.83 33.26 -18.98
C GLN A 135 -22.99 32.26 -19.02
N ASN A 136 -22.71 30.98 -19.28
CA ASN A 136 -23.78 29.99 -19.24
C ASN A 136 -23.41 28.82 -18.34
N GLN A 137 -22.12 28.46 -18.31
CA GLN A 137 -21.58 27.41 -17.46
C GLN A 137 -22.22 26.05 -17.73
N ALA A 138 -22.77 25.85 -18.93
CA ALA A 138 -23.40 24.58 -19.29
C ALA A 138 -23.01 24.07 -20.67
N GLU A 139 -22.52 24.92 -21.56
CA GLU A 139 -22.21 24.48 -22.92
C GLU A 139 -20.84 23.81 -22.99
N ALA A 140 -19.78 24.54 -22.62
CA ALA A 140 -18.43 23.98 -22.66
C ALA A 140 -17.61 24.34 -21.43
N SER A 141 -18.24 24.84 -20.36
CA SER A 141 -17.48 25.19 -19.17
C SER A 141 -16.91 23.97 -18.47
N SER A 142 -17.62 22.83 -18.53
CA SER A 142 -17.16 21.60 -17.91
C SER A 142 -16.21 20.82 -18.80
N LYS A 143 -15.91 21.31 -20.01
CA LYS A 143 -15.05 20.60 -20.94
C LYS A 143 -13.74 21.31 -21.23
N ILE A 144 -13.62 22.59 -20.89
CA ILE A 144 -12.37 23.32 -21.08
C ILE A 144 -11.42 22.95 -19.96
N ILE A 145 -10.25 22.42 -20.32
CA ILE A 145 -9.34 21.84 -19.35
C ILE A 145 -8.37 22.88 -18.79
N GLY A 146 -7.79 23.70 -19.66
CA GLY A 146 -6.74 24.61 -19.23
C GLY A 146 -7.26 25.66 -18.27
N GLN A 147 -6.58 25.80 -17.14
CA GLN A 147 -6.93 26.83 -16.15
C GLN A 147 -5.74 27.57 -15.57
N PHE A 148 -4.51 27.07 -15.72
CA PHE A 148 -3.34 27.68 -15.10
C PHE A 148 -2.54 28.57 -16.04
N GLY A 149 -2.36 28.15 -17.29
CA GLY A 149 -1.57 28.93 -18.23
C GLY A 149 -0.11 28.57 -18.29
N VAL A 150 0.29 27.42 -17.77
CA VAL A 150 1.69 26.99 -17.81
C VAL A 150 1.77 25.60 -18.44
N GLY A 151 0.67 25.14 -19.02
CA GLY A 151 0.65 23.80 -19.59
C GLY A 151 1.55 23.66 -20.81
N PHE A 152 1.59 24.68 -21.66
CA PHE A 152 2.39 24.59 -22.88
C PHE A 152 3.88 24.48 -22.56
N TYR A 153 4.34 25.22 -21.56
CA TYR A 153 5.77 25.24 -21.24
C TYR A 153 6.25 23.92 -20.65
N SER A 154 5.35 22.99 -20.35
CA SER A 154 5.74 21.63 -20.01
C SER A 154 6.38 20.91 -21.19
N ALA A 155 6.24 21.45 -22.41
CA ALA A 155 6.90 20.87 -23.57
C ALA A 155 8.38 21.18 -23.62
N PHE A 156 8.87 22.11 -22.80
CA PHE A 156 10.27 22.52 -22.84
C PHE A 156 11.19 21.60 -22.04
N MET A 157 10.65 20.74 -21.18
CA MET A 157 11.48 19.81 -20.45
C MET A 157 11.91 18.62 -21.29
N VAL A 158 11.32 18.45 -22.47
CA VAL A 158 11.70 17.37 -23.39
C VAL A 158 12.29 17.89 -24.69
N ALA A 159 12.20 19.19 -24.96
CA ALA A 159 12.59 19.73 -26.25
C ALA A 159 13.61 20.85 -26.08
N ASP A 160 14.62 20.85 -26.94
CA ASP A 160 15.55 21.97 -27.03
C ASP A 160 15.05 23.07 -27.96
N ARG A 161 14.09 22.77 -28.83
CA ARG A 161 13.47 23.75 -29.69
C ARG A 161 12.04 23.32 -30.00
N VAL A 162 11.10 24.24 -29.83
CA VAL A 162 9.68 23.97 -30.05
C VAL A 162 9.19 24.86 -31.18
N GLU A 163 8.61 24.24 -32.20
CA GLU A 163 8.05 24.96 -33.34
C GLU A 163 6.53 24.82 -33.30
N VAL A 164 5.84 25.96 -33.25
CA VAL A 164 4.38 26.00 -33.21
C VAL A 164 3.90 26.75 -34.44
N TYR A 165 3.02 26.11 -35.22
CA TYR A 165 2.43 26.71 -36.40
C TYR A 165 0.92 26.76 -36.20
N SER A 166 0.36 27.96 -36.18
CA SER A 166 -1.05 28.15 -35.92
C SER A 166 -1.67 29.08 -36.94
N ARG A 167 -2.96 28.88 -37.20
CA ARG A 167 -3.74 29.75 -38.07
C ARG A 167 -5.16 29.78 -37.56
N SER A 168 -5.67 30.97 -37.26
CA SER A 168 -7.00 31.09 -36.68
C SER A 168 -8.07 30.67 -37.68
N ALA A 169 -9.19 30.18 -37.15
CA ALA A 169 -10.31 29.75 -37.97
C ALA A 169 -11.16 30.91 -38.48
N ALA A 170 -10.77 32.14 -38.22
CA ALA A 170 -11.50 33.28 -38.74
C ALA A 170 -11.41 33.32 -40.26
N PRO A 171 -12.47 33.78 -40.93
CA PRO A 171 -12.47 33.78 -42.39
C PRO A 171 -11.54 34.83 -42.98
N GLY A 172 -10.24 34.53 -43.03
CA GLY A 172 -9.28 35.46 -43.59
C GLY A 172 -7.97 35.51 -42.84
N SER A 173 -7.90 34.81 -41.71
CA SER A 173 -6.70 34.82 -40.89
C SER A 173 -5.55 34.14 -41.62
N LEU A 174 -4.34 34.64 -41.41
CA LEU A 174 -3.14 34.12 -42.02
C LEU A 174 -2.39 33.23 -41.05
N GLY A 175 -1.64 32.27 -41.59
CA GLY A 175 -0.83 31.40 -40.77
C GLY A 175 0.33 32.14 -40.14
N TYR A 176 0.78 31.63 -38.99
CA TYR A 176 1.90 32.21 -38.26
C TYR A 176 2.87 31.12 -37.85
N GLN A 177 4.03 31.55 -37.36
CA GLN A 177 5.08 30.64 -36.94
C GLN A 177 5.59 31.05 -35.57
N TRP A 178 5.98 30.06 -34.78
CA TRP A 178 6.38 30.29 -33.39
C TRP A 178 7.57 29.41 -33.07
N LEU A 179 8.74 30.01 -32.90
CA LEU A 179 9.95 29.31 -32.51
C LEU A 179 10.37 29.72 -31.10
N SER A 180 10.88 28.76 -30.35
CA SER A 180 11.43 29.05 -29.02
C SER A 180 12.35 27.90 -28.61
N ASP A 181 13.18 28.18 -27.61
CA ASP A 181 14.09 27.20 -27.06
C ASP A 181 14.05 27.13 -25.54
N GLY A 182 13.13 27.87 -24.91
CA GLY A 182 13.01 27.86 -23.47
C GLY A 182 13.98 28.77 -22.73
N SER A 183 14.77 29.57 -23.45
CA SER A 183 15.73 30.48 -22.85
C SER A 183 15.15 31.86 -22.61
N GLY A 184 13.83 31.99 -22.46
CA GLY A 184 13.20 33.27 -22.22
C GLY A 184 12.97 34.12 -23.44
N VAL A 185 13.32 33.63 -24.63
CA VAL A 185 13.15 34.37 -25.87
C VAL A 185 12.48 33.45 -26.88
N PHE A 186 11.47 33.97 -27.58
CA PHE A 186 10.79 33.23 -28.63
C PHE A 186 10.69 34.10 -29.87
N GLU A 187 10.95 33.49 -31.03
CA GLU A 187 11.03 34.21 -32.31
C GLU A 187 9.78 33.86 -33.12
N ILE A 188 8.72 34.63 -32.94
CA ILE A 188 7.50 34.44 -33.71
C ILE A 188 7.65 35.12 -35.07
N ALA A 189 7.19 34.45 -36.12
CA ALA A 189 7.37 34.94 -37.48
C ALA A 189 6.07 34.72 -38.25
N GLU A 190 6.15 34.87 -39.57
CA GLU A 190 5.02 34.70 -40.47
C GLU A 190 5.26 33.47 -41.35
N ALA A 191 4.25 32.62 -41.46
CA ALA A 191 4.35 31.39 -42.22
C ALA A 191 3.18 31.27 -43.19
N SER A 192 3.44 30.63 -44.32
CA SER A 192 2.43 30.43 -45.35
C SER A 192 2.22 28.93 -45.57
N GLY A 193 1.00 28.56 -45.96
CA GLY A 193 0.64 27.18 -46.11
C GLY A 193 0.19 26.49 -44.85
N VAL A 194 0.03 27.24 -43.75
CA VAL A 194 -0.42 26.64 -42.50
C VAL A 194 -1.90 26.31 -42.61
N ARG A 195 -2.26 25.07 -42.28
CA ARG A 195 -3.66 24.69 -42.28
C ARG A 195 -4.34 25.20 -41.01
N THR A 196 -5.66 25.29 -41.07
CA THR A 196 -6.42 25.80 -39.93
C THR A 196 -6.20 24.93 -38.71
N GLY A 197 -5.92 25.56 -37.57
CA GLY A 197 -5.63 24.86 -36.33
C GLY A 197 -4.27 25.26 -35.80
N THR A 198 -3.66 24.32 -35.07
CA THR A 198 -2.34 24.52 -34.48
C THR A 198 -1.48 23.28 -34.72
N LYS A 199 -0.28 23.49 -35.24
CA LYS A 199 0.67 22.41 -35.53
C LYS A 199 1.91 22.65 -34.69
N ILE A 200 2.11 21.81 -33.67
CA ILE A 200 3.22 21.96 -32.74
C ILE A 200 4.26 20.90 -33.08
N ILE A 201 5.45 21.35 -33.47
CA ILE A 201 6.58 20.46 -33.73
C ILE A 201 7.53 20.55 -32.54
N ILE A 202 7.89 19.40 -32.00
CA ILE A 202 8.79 19.33 -30.85
C ILE A 202 10.02 18.53 -31.26
N HIS A 203 11.19 19.13 -31.09
CA HIS A 203 12.46 18.46 -31.36
C HIS A 203 13.03 18.02 -30.02
N LEU A 204 13.11 16.70 -29.83
CA LEU A 204 13.39 16.15 -28.52
C LEU A 204 14.82 16.46 -28.09
N LYS A 205 15.02 16.52 -26.77
CA LYS A 205 16.35 16.69 -26.21
C LYS A 205 17.19 15.45 -26.46
N SER A 206 18.51 15.61 -26.31
CA SER A 206 19.41 14.48 -26.51
C SER A 206 19.13 13.35 -25.52
N ASP A 207 18.83 13.70 -24.28
CA ASP A 207 18.51 12.72 -23.26
C ASP A 207 17.02 12.36 -23.23
N CYS A 208 16.21 12.97 -24.08
CA CYS A 208 14.77 12.70 -24.13
C CYS A 208 14.33 12.18 -25.50
N LYS A 209 15.24 11.57 -26.25
CA LYS A 209 14.90 11.02 -27.56
C LYS A 209 13.94 9.83 -27.46
N GLU A 210 13.76 9.26 -26.27
CA GLU A 210 12.90 8.10 -26.10
C GLU A 210 11.43 8.42 -26.29
N PHE A 211 11.06 9.69 -26.34
CA PHE A 211 9.70 10.08 -26.69
C PHE A 211 9.46 10.09 -28.20
N SER A 212 10.50 9.85 -29.00
CA SER A 212 10.37 9.70 -30.43
C SER A 212 10.06 8.26 -30.83
N SER A 213 9.55 7.45 -29.90
CA SER A 213 9.16 6.08 -30.15
C SER A 213 7.65 5.95 -30.06
N GLU A 214 7.06 5.23 -31.01
CA GLU A 214 5.60 5.11 -31.06
C GLU A 214 5.06 4.39 -29.83
N ALA A 215 5.80 3.39 -29.33
CA ALA A 215 5.32 2.62 -28.19
C ALA A 215 5.15 3.49 -26.95
N ARG A 216 6.17 4.30 -26.64
CA ARG A 216 6.09 5.16 -25.45
C ARG A 216 4.98 6.20 -25.60
N VAL A 217 4.86 6.80 -26.78
CA VAL A 217 3.82 7.81 -27.00
C VAL A 217 2.44 7.19 -26.84
N ARG A 218 2.24 6.00 -27.42
CA ARG A 218 0.95 5.32 -27.26
C ARG A 218 0.67 5.00 -25.81
N ASP A 219 1.68 4.53 -25.08
CA ASP A 219 1.49 4.20 -23.68
C ASP A 219 1.08 5.42 -22.87
N VAL A 220 1.75 6.56 -23.10
CA VAL A 220 1.43 7.76 -22.32
C VAL A 220 0.06 8.30 -22.71
N VAL A 221 -0.28 8.26 -24.00
CA VAL A 221 -1.59 8.73 -24.43
C VAL A 221 -2.69 7.88 -23.82
N THR A 222 -2.51 6.56 -23.80
CA THR A 222 -3.48 5.69 -23.16
C THR A 222 -3.57 5.97 -21.66
N LYS A 223 -2.43 6.24 -21.02
CA LYS A 223 -2.44 6.50 -19.59
C LYS A 223 -3.20 7.78 -19.26
N TYR A 224 -2.97 8.85 -20.02
CA TYR A 224 -3.51 10.17 -19.69
C TYR A 224 -4.67 10.59 -20.58
N SER A 225 -4.49 10.56 -21.90
CA SER A 225 -5.46 11.14 -22.84
C SER A 225 -6.29 10.08 -23.54
N ASN A 226 -6.66 9.01 -22.85
CA ASN A 226 -7.46 7.96 -23.46
C ASN A 226 -8.93 8.33 -23.61
N PHE A 227 -9.41 9.33 -22.87
CA PHE A 227 -10.82 9.69 -22.87
C PHE A 227 -11.05 11.10 -23.40
N VAL A 228 -10.25 11.53 -24.37
CA VAL A 228 -10.41 12.84 -24.96
C VAL A 228 -11.74 12.89 -25.73
N SER A 229 -12.43 14.02 -25.63
CA SER A 229 -13.74 14.17 -26.27
C SER A 229 -13.66 14.12 -27.78
N PHE A 230 -12.48 14.25 -28.36
CA PHE A 230 -12.29 14.33 -29.80
C PHE A 230 -11.40 13.18 -30.27
N PRO A 231 -11.51 12.78 -31.53
CA PRO A 231 -10.68 11.68 -32.04
C PRO A 231 -9.20 12.02 -31.91
N LEU A 232 -8.43 11.04 -31.42
CA LEU A 232 -6.99 11.18 -31.24
C LEU A 232 -6.30 10.20 -32.17
N TYR A 233 -5.43 10.71 -33.04
CA TYR A 233 -4.75 9.90 -34.03
C TYR A 233 -3.25 9.94 -33.77
N LEU A 234 -2.64 8.76 -33.62
CA LEU A 234 -1.21 8.63 -33.45
C LEU A 234 -0.66 7.92 -34.67
N ASN A 235 0.12 8.65 -35.49
CA ASN A 235 0.67 8.13 -36.73
C ASN A 235 -0.41 7.65 -37.69
N GLY A 236 -1.57 8.31 -37.66
CA GLY A 236 -2.62 8.05 -38.63
C GLY A 236 -3.66 7.03 -38.23
N ARG A 237 -3.64 6.54 -36.99
CA ARG A 237 -4.62 5.57 -36.53
C ARG A 237 -5.36 6.12 -35.32
N ARG A 238 -6.69 6.00 -35.33
CA ARG A 238 -7.49 6.42 -34.19
C ARG A 238 -7.30 5.42 -33.04
N MET A 239 -7.06 5.94 -31.84
CA MET A 239 -6.70 5.06 -30.75
C MET A 239 -7.34 5.41 -29.41
N ASN A 240 -8.44 6.18 -29.40
CA ASN A 240 -9.14 6.43 -28.14
C ASN A 240 -10.09 5.28 -27.80
N THR A 241 -11.11 5.07 -28.63
CA THR A 241 -12.00 3.90 -28.56
C THR A 241 -12.57 3.67 -27.16
N LEU A 242 -12.79 4.75 -26.40
CA LEU A 242 -13.35 4.63 -25.06
C LEU A 242 -14.16 5.89 -24.77
N GLN A 243 -15.48 5.77 -24.85
CA GLN A 243 -16.36 6.94 -24.80
C GLN A 243 -16.84 7.26 -23.38
N ALA A 244 -15.91 7.26 -22.42
CA ALA A 244 -16.11 7.81 -21.09
C ALA A 244 -17.50 7.49 -20.51
N ILE A 245 -17.74 6.20 -20.31
CA ILE A 245 -19.07 5.75 -19.91
C ILE A 245 -19.52 6.35 -18.58
N TRP A 246 -18.58 6.89 -17.79
CA TRP A 246 -18.95 7.54 -16.54
C TRP A 246 -19.70 8.84 -16.75
N MET A 247 -19.70 9.40 -17.96
CA MET A 247 -20.38 10.65 -18.24
C MET A 247 -21.80 10.48 -18.75
N MET A 248 -22.17 9.28 -19.21
CA MET A 248 -23.50 9.05 -19.75
C MET A 248 -24.46 8.63 -18.64
N ASP A 249 -25.71 8.38 -19.02
CA ASP A 249 -26.71 8.02 -18.04
C ASP A 249 -26.45 6.62 -17.50
N PRO A 250 -26.63 6.40 -16.19
CA PRO A 250 -26.40 5.05 -15.64
C PRO A 250 -27.27 3.98 -16.28
N LYS A 251 -28.52 4.32 -16.62
CA LYS A 251 -29.39 3.34 -17.26
C LYS A 251 -29.04 3.14 -18.73
N ASP A 252 -28.51 4.17 -19.40
CA ASP A 252 -28.19 4.05 -20.81
C ASP A 252 -27.01 3.12 -21.05
N VAL A 253 -26.00 3.17 -20.17
CA VAL A 253 -24.84 2.32 -20.33
C VAL A 253 -25.21 0.88 -20.02
N GLY A 254 -24.82 -0.03 -20.91
CA GLY A 254 -25.13 -1.43 -20.71
C GLY A 254 -24.20 -2.09 -19.71
N GLU A 255 -24.62 -3.27 -19.24
CA GLU A 255 -23.80 -4.02 -18.30
C GLU A 255 -22.55 -4.57 -18.98
N TRP A 256 -22.64 -4.89 -20.27
CA TRP A 256 -21.48 -5.48 -20.95
C TRP A 256 -20.34 -4.48 -21.08
N GLN A 257 -20.65 -3.21 -21.31
CA GLN A 257 -19.60 -2.19 -21.39
C GLN A 257 -18.86 -2.05 -20.07
N HIS A 258 -19.55 -2.26 -18.94
CA HIS A 258 -18.90 -2.19 -17.64
C HIS A 258 -17.85 -3.28 -17.46
N GLU A 259 -17.97 -4.40 -18.18
CA GLU A 259 -17.03 -5.50 -18.01
C GLU A 259 -15.63 -5.13 -18.49
N GLU A 260 -15.52 -4.60 -19.71
CA GLU A 260 -14.20 -4.23 -20.22
C GLU A 260 -13.71 -2.92 -19.62
N PHE A 261 -14.61 -2.02 -19.25
CA PHE A 261 -14.20 -0.77 -18.61
C PHE A 261 -13.53 -1.05 -17.27
N TYR A 262 -14.10 -1.97 -16.50
CA TYR A 262 -13.46 -2.39 -15.26
C TYR A 262 -12.10 -3.04 -15.54
N ARG A 263 -12.02 -3.84 -16.61
CA ARG A 263 -10.75 -4.46 -16.97
C ARG A 263 -9.69 -3.43 -17.35
N TYR A 264 -10.11 -2.23 -17.77
CA TYR A 264 -9.15 -1.19 -18.16
C TYR A 264 -8.71 -0.35 -16.96
N VAL A 265 -9.67 0.16 -16.19
CA VAL A 265 -9.33 1.05 -15.07
C VAL A 265 -8.61 0.27 -13.97
N ALA A 266 -9.02 -0.98 -13.74
CA ALA A 266 -8.40 -1.80 -12.72
C ALA A 266 -7.22 -2.62 -13.23
N GLN A 267 -6.98 -2.62 -14.54
CA GLN A 267 -5.91 -3.39 -15.16
C GLN A 267 -6.01 -4.86 -14.77
N ALA A 268 -7.23 -5.39 -14.80
CA ALA A 268 -7.51 -6.78 -14.45
C ALA A 268 -8.19 -7.47 -15.62
N HIS A 269 -8.53 -8.74 -15.41
CA HIS A 269 -9.19 -9.55 -16.42
C HIS A 269 -10.49 -10.19 -15.97
N ASP A 270 -10.81 -10.13 -14.68
CA ASP A 270 -12.01 -10.74 -14.16
C ASP A 270 -13.21 -9.80 -14.37
N LYS A 271 -14.34 -10.11 -13.74
CA LYS A 271 -15.54 -9.33 -13.84
C LYS A 271 -15.86 -8.63 -12.52
N PRO A 272 -16.55 -7.49 -12.55
CA PRO A 272 -16.94 -6.84 -11.30
C PRO A 272 -18.25 -7.41 -10.74
N ARG A 273 -18.24 -7.79 -9.47
CA ARG A 273 -19.45 -8.30 -8.84
C ARG A 273 -20.44 -7.18 -8.53
N TYR A 274 -19.95 -5.96 -8.31
CA TYR A 274 -20.81 -4.82 -8.02
C TYR A 274 -20.41 -3.66 -8.91
N THR A 275 -21.40 -2.84 -9.26
CA THR A 275 -21.21 -1.69 -10.14
C THR A 275 -22.11 -0.57 -9.65
N LEU A 276 -21.51 0.49 -9.11
CA LEU A 276 -22.25 1.65 -8.62
C LEU A 276 -21.94 2.82 -9.53
N HIS A 277 -22.97 3.34 -10.19
CA HIS A 277 -22.85 4.51 -11.06
C HIS A 277 -23.37 5.71 -10.29
N TYR A 278 -22.46 6.40 -9.60
CA TYR A 278 -22.83 7.54 -8.77
C TYR A 278 -22.70 8.82 -9.57
N LYS A 279 -23.79 9.58 -9.63
CA LYS A 279 -23.80 10.87 -10.33
C LYS A 279 -24.43 11.99 -9.53
N THR A 280 -25.02 11.72 -8.37
CA THR A 280 -25.60 12.79 -7.58
C THR A 280 -24.52 13.77 -7.14
N ASP A 281 -24.76 15.05 -7.36
CA ASP A 281 -23.76 16.09 -7.10
C ASP A 281 -24.33 17.10 -6.11
N ALA A 282 -24.29 16.76 -4.82
CA ALA A 282 -24.59 17.76 -3.81
C ALA A 282 -23.35 18.60 -3.49
N PRO A 283 -22.20 18.00 -3.09
CA PRO A 283 -21.03 18.85 -2.78
C PRO A 283 -20.25 19.25 -4.02
N LEU A 284 -20.12 18.32 -4.96
CA LEU A 284 -19.27 18.51 -6.14
C LEU A 284 -19.92 17.79 -7.31
N ASN A 285 -19.62 18.27 -8.51
CA ASN A 285 -20.11 17.61 -9.71
C ASN A 285 -19.37 16.30 -9.92
N ILE A 286 -19.94 15.20 -9.44
CA ILE A 286 -19.28 13.90 -9.43
C ILE A 286 -19.95 12.99 -10.46
N ARG A 287 -19.15 12.39 -11.33
CA ARG A 287 -19.59 11.37 -12.28
C ARG A 287 -18.64 10.19 -12.09
N SER A 288 -19.00 9.26 -11.20
CA SER A 288 -18.10 8.21 -10.79
C SER A 288 -18.74 6.85 -10.98
N ILE A 289 -17.90 5.85 -11.25
CA ILE A 289 -18.29 4.45 -11.32
C ILE A 289 -17.38 3.66 -10.40
N PHE A 290 -17.98 2.80 -9.57
CA PHE A 290 -17.23 2.00 -8.61
C PHE A 290 -17.44 0.53 -8.89
N TYR A 291 -16.35 -0.23 -8.89
CA TYR A 291 -16.37 -1.66 -9.16
C TYR A 291 -15.76 -2.43 -8.00
N VAL A 292 -16.29 -3.61 -7.75
CA VAL A 292 -15.77 -4.53 -6.74
C VAL A 292 -15.23 -5.76 -7.46
N PRO A 293 -13.93 -6.02 -7.38
CA PRO A 293 -13.37 -7.18 -8.09
C PRO A 293 -13.88 -8.50 -7.55
N ASP A 294 -13.97 -9.49 -8.44
CA ASP A 294 -14.32 -10.84 -8.02
C ASP A 294 -13.14 -11.54 -7.33
N MET A 295 -11.92 -11.24 -7.74
CA MET A 295 -10.74 -11.88 -7.18
C MET A 295 -10.52 -11.39 -5.76
N LYS A 296 -10.79 -12.26 -4.78
CA LYS A 296 -10.56 -11.90 -3.40
C LYS A 296 -9.06 -11.78 -3.12
N PRO A 297 -8.64 -10.78 -2.35
CA PRO A 297 -7.21 -10.55 -2.05
C PRO A 297 -6.62 -11.65 -1.18
N SER A 309 -7.27 2.99 -4.99
CA SER A 309 -7.10 2.18 -6.19
C SER A 309 -8.11 2.56 -7.26
N VAL A 310 -8.79 3.68 -7.04
CA VAL A 310 -9.77 4.22 -7.98
C VAL A 310 -9.13 5.35 -8.77
N ALA A 311 -9.32 5.35 -10.08
CA ALA A 311 -8.73 6.38 -10.92
C ALA A 311 -9.49 7.69 -10.75
N LEU A 312 -8.75 8.77 -10.55
CA LEU A 312 -9.33 10.11 -10.41
C LEU A 312 -9.20 10.84 -11.73
N TYR A 313 -10.31 11.43 -12.19
CA TYR A 313 -10.34 12.13 -13.47
C TYR A 313 -10.90 13.53 -13.25
N SER A 314 -10.50 14.45 -14.13
CA SER A 314 -10.99 15.82 -14.12
C SER A 314 -11.12 16.28 -15.56
N ARG A 315 -12.37 16.50 -16.00
CA ARG A 315 -12.65 16.90 -17.38
C ARG A 315 -12.06 15.91 -18.37
N LYS A 316 -12.26 14.62 -18.10
CA LYS A 316 -11.85 13.53 -18.98
C LYS A 316 -10.34 13.49 -19.18
N VAL A 317 -9.58 13.92 -18.17
CA VAL A 317 -8.13 13.80 -18.15
C VAL A 317 -7.72 13.19 -16.83
N LEU A 318 -6.89 12.15 -16.89
CA LEU A 318 -6.48 11.46 -15.67
C LEU A 318 -5.64 12.38 -14.78
N ILE A 319 -5.89 12.31 -13.48
CA ILE A 319 -5.15 13.11 -12.51
C ILE A 319 -4.07 12.24 -11.88
N GLN A 320 -4.48 11.15 -11.23
CA GLN A 320 -3.54 10.19 -10.69
C GLN A 320 -4.23 8.83 -10.63
N THR A 321 -3.45 7.78 -10.91
CA THR A 321 -4.02 6.44 -11.01
C THR A 321 -4.42 5.90 -9.63
N LYS A 322 -3.54 6.05 -8.64
CA LYS A 322 -3.81 5.48 -7.33
C LYS A 322 -4.92 6.24 -6.61
N ALA A 323 -4.84 7.58 -6.60
CA ALA A 323 -5.82 8.46 -5.98
C ALA A 323 -6.30 7.92 -4.63
N THR A 324 -5.34 7.65 -3.74
CA THR A 324 -5.65 7.11 -2.43
C THR A 324 -6.13 8.18 -1.45
N ASP A 325 -6.35 9.41 -1.91
CA ASP A 325 -6.77 10.50 -1.04
C ASP A 325 -8.27 10.75 -1.08
N ILE A 326 -8.91 10.55 -2.24
CA ILE A 326 -10.35 10.81 -2.35
C ILE A 326 -11.15 9.80 -1.54
N LEU A 327 -10.68 8.55 -1.50
CA LEU A 327 -11.41 7.49 -0.81
C LEU A 327 -10.70 7.11 0.49
N PRO A 328 -11.45 6.61 1.48
CA PRO A 328 -10.80 6.12 2.70
C PRO A 328 -9.92 4.91 2.43
N LYS A 329 -8.95 4.70 3.31
CA LYS A 329 -8.00 3.62 3.12
C LYS A 329 -8.69 2.25 3.11
N TRP A 330 -9.72 2.08 3.94
CA TRP A 330 -10.43 0.81 3.98
C TRP A 330 -11.26 0.56 2.73
N LEU A 331 -11.53 1.59 1.95
CA LEU A 331 -12.31 1.46 0.72
C LEU A 331 -11.44 1.28 -0.50
N ARG A 332 -10.13 1.08 -0.32
CA ARG A 332 -9.22 0.89 -1.45
C ARG A 332 -9.48 -0.40 -2.21
N PHE A 333 -10.27 -1.32 -1.67
CA PHE A 333 -10.51 -2.59 -2.33
C PHE A 333 -11.39 -2.46 -3.57
N ILE A 334 -12.09 -1.33 -3.73
CA ILE A 334 -12.94 -1.13 -4.88
C ILE A 334 -12.13 -0.50 -6.00
N ARG A 335 -12.57 -0.72 -7.23
CA ARG A 335 -11.94 -0.17 -8.42
C ARG A 335 -12.95 0.69 -9.17
N GLY A 336 -12.44 1.47 -10.12
CA GLY A 336 -13.31 2.31 -10.92
C GLY A 336 -12.74 3.68 -11.22
N VAL A 337 -13.61 4.65 -11.45
CA VAL A 337 -13.20 6.00 -11.83
C VAL A 337 -14.04 7.00 -11.06
N VAL A 338 -13.42 8.10 -10.66
CA VAL A 338 -14.11 9.24 -10.05
C VAL A 338 -13.76 10.47 -10.88
N ASP A 339 -14.76 11.05 -11.52
CA ASP A 339 -14.55 12.18 -12.42
C ASP A 339 -15.30 13.39 -11.87
N SER A 340 -14.62 14.52 -11.81
CA SER A 340 -15.21 15.77 -11.34
C SER A 340 -14.50 16.94 -12.01
N GLU A 341 -15.28 17.88 -12.53
CA GLU A 341 -14.73 19.07 -13.17
C GLU A 341 -14.60 20.25 -12.21
N ASP A 342 -14.94 20.07 -10.93
CA ASP A 342 -14.86 21.14 -9.95
C ASP A 342 -13.84 20.86 -8.84
N ILE A 343 -13.08 19.78 -8.94
CA ILE A 343 -12.07 19.50 -7.92
C ILE A 343 -10.92 20.49 -8.05
N PRO A 344 -10.30 20.91 -6.95
CA PRO A 344 -9.13 21.80 -7.05
C PRO A 344 -7.89 21.01 -7.44
N LEU A 345 -7.15 21.53 -8.42
CA LEU A 345 -5.99 20.84 -8.95
C LEU A 345 -4.71 21.59 -8.59
N ASN A 346 -3.66 20.83 -8.34
CA ASN A 346 -2.34 21.42 -8.12
C ASN A 346 -1.79 21.96 -9.42
N LEU A 347 -0.76 22.81 -9.31
CA LEU A 347 -0.13 23.37 -10.51
C LEU A 347 0.43 22.28 -11.41
N SER A 348 0.80 21.14 -10.82
CA SER A 348 1.27 19.99 -11.62
C SER A 348 0.06 19.14 -12.04
N ARG A 349 -1.11 19.77 -12.14
CA ARG A 349 -2.37 19.07 -12.54
C ARG A 349 -2.56 17.77 -11.74
N GLU A 350 -2.13 17.74 -10.47
CA GLU A 350 -2.38 16.55 -9.63
C GLU A 350 -3.41 16.95 -8.57
N LEU A 351 -3.88 16.02 -7.74
CA LEU A 351 -4.92 16.36 -6.79
C LEU A 351 -4.38 17.26 -5.69
N LEU A 352 -5.14 18.30 -5.36
CA LEU A 352 -4.80 19.20 -4.25
C LEU A 352 -5.16 18.48 -2.95
N GLN A 353 -4.27 17.56 -2.54
CA GLN A 353 -4.57 16.67 -1.44
C GLN A 353 -4.71 17.43 -0.13
N GLU A 354 -5.65 16.96 0.71
CA GLU A 354 -6.03 17.63 1.96
C GLU A 354 -6.31 19.11 1.75
N SER A 355 -7.10 19.40 0.73
CA SER A 355 -7.63 20.74 0.53
C SER A 355 -8.80 20.98 1.49
N ALA A 356 -9.20 22.24 1.60
CA ALA A 356 -10.34 22.60 2.45
C ALA A 356 -11.66 22.06 1.94
N LEU A 357 -11.71 21.57 0.70
CA LEU A 357 -12.94 21.12 0.08
C LEU A 357 -12.97 19.63 -0.22
N ILE A 358 -11.82 18.96 -0.30
CA ILE A 358 -11.79 17.56 -0.72
C ILE A 358 -12.36 16.65 0.37
N ARG A 359 -12.20 17.00 1.64
CA ARG A 359 -12.65 16.11 2.71
C ARG A 359 -14.16 15.89 2.66
N LYS A 360 -14.92 16.90 2.21
CA LYS A 360 -16.35 16.71 2.07
C LYS A 360 -16.66 15.64 1.02
N LEU A 361 -15.90 15.60 -0.06
CA LEU A 361 -16.10 14.59 -1.08
C LEU A 361 -15.83 13.19 -0.54
N ARG A 362 -14.79 13.04 0.30
CA ARG A 362 -14.46 11.73 0.84
C ARG A 362 -15.59 11.17 1.69
N ASP A 363 -16.20 12.02 2.53
CA ASP A 363 -17.32 11.56 3.34
C ASP A 363 -18.52 11.18 2.49
N VAL A 364 -18.81 11.97 1.45
CA VAL A 364 -19.94 11.68 0.58
C VAL A 364 -19.73 10.37 -0.16
N LEU A 365 -18.52 10.16 -0.69
CA LEU A 365 -18.22 8.90 -1.36
C LEU A 365 -18.27 7.73 -0.38
N GLN A 366 -17.74 7.94 0.83
CA GLN A 366 -17.75 6.86 1.83
C GLN A 366 -19.17 6.49 2.24
N GLN A 367 -20.03 7.49 2.45
CA GLN A 367 -21.41 7.20 2.84
C GLN A 367 -22.18 6.55 1.70
N ARG A 368 -21.93 6.98 0.47
CA ARG A 368 -22.64 6.41 -0.67
C ARG A 368 -22.31 4.94 -0.87
N LEU A 369 -21.02 4.59 -0.79
CA LEU A 369 -20.62 3.20 -0.97
C LEU A 369 -21.17 2.32 0.15
N ILE A 370 -21.16 2.82 1.38
CA ILE A 370 -21.75 2.08 2.50
C ILE A 370 -23.25 1.93 2.27
N LYS A 371 -23.92 3.00 1.84
CA LYS A 371 -25.34 2.91 1.51
C LYS A 371 -25.58 1.95 0.36
N PHE A 372 -24.72 1.99 -0.66
CA PHE A 372 -24.86 1.08 -1.78
C PHE A 372 -24.66 -0.36 -1.36
N PHE A 373 -23.66 -0.61 -0.51
CA PHE A 373 -23.43 -1.97 -0.02
C PHE A 373 -24.59 -2.46 0.83
N ILE A 374 -25.17 -1.58 1.65
CA ILE A 374 -26.32 -1.95 2.46
C ILE A 374 -27.50 -2.32 1.56
N ASP A 375 -27.73 -1.54 0.51
CA ASP A 375 -28.80 -1.87 -0.44
C ASP A 375 -28.53 -3.19 -1.13
N GLN A 376 -27.27 -3.45 -1.49
CA GLN A 376 -26.92 -4.71 -2.13
C GLN A 376 -27.20 -5.89 -1.21
N SER A 377 -26.93 -5.72 0.10
CA SER A 377 -27.19 -6.80 1.05
C SER A 377 -28.68 -7.15 1.11
N LYS A 378 -29.53 -6.13 1.14
CA LYS A 378 -30.98 -6.38 1.16
C LYS A 378 -31.46 -7.00 -0.15
N LYS A 379 -30.93 -6.53 -1.28
CA LYS A 379 -31.37 -7.05 -2.57
C LYS A 379 -30.90 -8.48 -2.78
N ASP A 380 -29.68 -8.80 -2.35
CA ASP A 380 -29.12 -10.15 -2.53
C ASP A 380 -28.27 -10.46 -1.30
N ALA A 381 -28.86 -11.16 -0.33
CA ALA A 381 -28.14 -11.46 0.90
C ALA A 381 -27.02 -12.46 0.65
N GLU A 382 -27.29 -13.52 -0.13
CA GLU A 382 -26.28 -14.54 -0.35
C GLU A 382 -25.09 -14.00 -1.14
N LYS A 383 -25.35 -13.14 -2.13
CA LYS A 383 -24.26 -12.53 -2.87
C LYS A 383 -23.43 -11.63 -1.98
N TYR A 384 -24.09 -10.83 -1.13
CA TYR A 384 -23.36 -9.98 -0.19
C TYR A 384 -22.63 -10.83 0.85
N ALA A 385 -23.26 -11.90 1.32
CA ALA A 385 -22.61 -12.77 2.28
C ALA A 385 -21.35 -13.39 1.70
N LYS A 386 -21.41 -13.83 0.45
CA LYS A 386 -20.19 -14.27 -0.23
C LYS A 386 -19.20 -13.14 -0.41
N PHE A 387 -19.70 -11.94 -0.69
CA PHE A 387 -18.83 -10.77 -0.83
C PHE A 387 -18.15 -10.41 0.48
N PHE A 388 -18.75 -10.77 1.61
CA PHE A 388 -18.23 -10.30 2.90
C PHE A 388 -16.84 -10.86 3.18
N GLU A 389 -16.68 -12.19 3.12
CA GLU A 389 -15.40 -12.77 3.51
C GLU A 389 -14.29 -12.43 2.54
N ASP A 390 -14.63 -12.06 1.30
CA ASP A 390 -13.61 -11.62 0.36
C ASP A 390 -12.97 -10.32 0.80
N TYR A 391 -13.76 -9.39 1.34
CA TYR A 391 -13.26 -8.08 1.73
C TYR A 391 -13.68 -7.73 3.16
N GLY A 392 -13.85 -8.74 4.01
CA GLY A 392 -14.20 -8.47 5.40
C GLY A 392 -13.11 -7.75 6.17
N LEU A 393 -11.84 -8.06 5.87
CA LEU A 393 -10.74 -7.41 6.56
C LEU A 393 -10.70 -5.92 6.28
N PHE A 394 -11.21 -5.49 5.12
CA PHE A 394 -11.24 -4.07 4.80
C PHE A 394 -12.23 -3.32 5.69
N MET A 395 -13.43 -3.88 5.88
CA MET A 395 -14.41 -3.25 6.75
C MET A 395 -13.92 -3.23 8.19
N ARG A 396 -13.31 -4.34 8.65
CA ARG A 396 -12.75 -4.37 9.99
C ARG A 396 -11.61 -3.36 10.14
N GLU A 397 -10.81 -3.19 9.08
CA GLU A 397 -9.77 -2.17 9.10
C GLU A 397 -10.35 -0.77 9.19
N GLY A 398 -11.51 -0.54 8.57
CA GLY A 398 -12.10 0.79 8.60
C GLY A 398 -12.53 1.22 9.99
N ILE A 399 -13.09 0.29 10.77
CA ILE A 399 -13.60 0.64 12.09
C ILE A 399 -12.47 1.04 13.02
N VAL A 400 -11.37 0.27 13.03
CA VAL A 400 -10.28 0.55 13.95
C VAL A 400 -9.55 1.83 13.55
N THR A 401 -9.36 2.06 12.25
CA THR A 401 -8.64 3.24 11.80
C THR A 401 -9.51 4.48 11.74
N ALA A 402 -10.82 4.35 11.91
CA ALA A 402 -11.69 5.52 11.91
C ALA A 402 -11.48 6.35 13.17
N THR A 403 -11.60 7.67 13.01
CA THR A 403 -11.48 8.61 14.12
C THR A 403 -12.82 8.97 14.72
N GLU A 404 -13.78 9.40 13.90
CA GLU A 404 -15.10 9.73 14.40
C GLU A 404 -15.87 8.47 14.75
N GLN A 405 -16.51 8.48 15.92
CA GLN A 405 -17.28 7.32 16.36
C GLN A 405 -18.49 7.09 15.47
N GLU A 406 -19.13 8.17 15.01
CA GLU A 406 -20.28 8.04 14.12
C GLU A 406 -19.90 7.36 12.82
N VAL A 407 -18.68 7.57 12.33
CA VAL A 407 -18.22 6.90 11.12
C VAL A 407 -18.18 5.39 11.34
N LYS A 408 -17.66 4.96 12.50
CA LYS A 408 -17.55 3.54 12.78
C LYS A 408 -18.89 2.83 12.72
N GLU A 409 -19.97 3.51 13.12
CA GLU A 409 -21.29 2.90 13.09
C GLU A 409 -21.74 2.59 11.67
N ASP A 410 -21.30 3.39 10.69
CA ASP A 410 -21.70 3.16 9.31
C ASP A 410 -21.09 1.88 8.76
N ILE A 411 -19.79 1.69 8.98
CA ILE A 411 -19.14 0.45 8.53
C ILE A 411 -19.66 -0.73 9.33
N ALA A 412 -19.95 -0.53 10.61
CA ALA A 412 -20.46 -1.61 11.45
C ALA A 412 -21.76 -2.19 10.91
N LYS A 413 -22.56 -1.38 10.22
CA LYS A 413 -23.77 -1.89 9.60
C LYS A 413 -23.46 -2.89 8.48
N LEU A 414 -22.26 -2.84 7.91
CA LEU A 414 -21.87 -3.78 6.86
C LEU A 414 -21.40 -5.12 7.42
N LEU A 415 -21.10 -5.20 8.72
CA LEU A 415 -20.60 -6.43 9.29
C LEU A 415 -21.69 -7.49 9.39
N ARG A 416 -21.32 -8.74 9.12
CA ARG A 416 -22.21 -9.88 9.25
C ARG A 416 -21.59 -10.87 10.22
N TYR A 417 -22.39 -11.37 11.17
CA TYR A 417 -21.89 -12.30 12.16
C TYR A 417 -22.90 -13.42 12.37
N GLU A 418 -22.39 -14.57 12.82
CA GLU A 418 -23.23 -15.72 13.14
C GLU A 418 -23.74 -15.59 14.57
N SER A 419 -25.00 -15.97 14.78
CA SER A 419 -25.66 -15.81 16.06
C SER A 419 -26.06 -17.16 16.62
N SER A 420 -26.13 -17.24 17.95
CA SER A 420 -26.47 -18.49 18.62
C SER A 420 -27.92 -18.89 18.38
N ALA A 421 -28.81 -17.91 18.22
CA ALA A 421 -30.23 -18.19 18.05
C ALA A 421 -30.60 -18.54 16.62
N LEU A 422 -29.63 -18.60 15.71
CA LEU A 422 -29.89 -18.87 14.31
C LEU A 422 -29.00 -20.01 13.84
N PRO A 423 -29.50 -20.86 12.94
CA PRO A 423 -28.73 -22.06 12.54
C PRO A 423 -27.40 -21.72 11.90
N SER A 424 -26.53 -22.71 11.85
CA SER A 424 -25.19 -22.54 11.29
C SER A 424 -25.27 -22.32 9.78
N GLY A 425 -24.26 -21.63 9.26
CA GLY A 425 -24.14 -21.37 7.84
C GLY A 425 -24.82 -20.12 7.35
N GLN A 426 -25.54 -19.40 8.20
CA GLN A 426 -26.21 -18.17 7.82
C GLN A 426 -25.77 -17.04 8.73
N LEU A 427 -25.57 -15.86 8.14
CA LEU A 427 -24.99 -14.72 8.83
C LEU A 427 -26.04 -13.65 9.06
N THR A 428 -25.85 -12.88 10.13
CA THR A 428 -26.74 -11.79 10.49
C THR A 428 -25.92 -10.53 10.78
N SER A 429 -26.51 -9.38 10.51
CA SER A 429 -25.85 -8.12 10.76
C SER A 429 -26.21 -7.59 12.15
N LEU A 430 -25.49 -6.55 12.57
CA LEU A 430 -25.74 -5.95 13.88
C LEU A 430 -27.13 -5.32 13.94
N SER A 431 -27.56 -4.70 12.83
CA SER A 431 -28.83 -3.98 12.84
C SER A 431 -30.01 -4.91 13.10
N GLU A 432 -30.04 -6.07 12.43
CA GLU A 432 -31.13 -7.01 12.65
C GLU A 432 -30.95 -7.81 13.93
N TYR A 433 -29.73 -7.90 14.46
CA TYR A 433 -29.53 -8.55 15.74
C TYR A 433 -30.23 -7.78 16.85
N ALA A 434 -30.16 -6.45 16.81
CA ALA A 434 -30.87 -5.62 17.77
C ALA A 434 -32.36 -5.55 17.49
N SER A 435 -32.79 -5.94 16.30
CA SER A 435 -34.22 -5.95 15.99
C SER A 435 -34.95 -6.96 16.86
N ARG A 436 -34.36 -8.14 17.06
CA ARG A 436 -34.92 -9.16 17.93
C ARG A 436 -34.36 -9.10 19.34
N MET A 437 -33.59 -8.06 19.66
CA MET A 437 -33.03 -7.90 20.99
C MET A 437 -34.14 -7.62 22.00
N ARG A 438 -33.97 -8.15 23.22
CA ARG A 438 -34.93 -7.91 24.28
C ARG A 438 -34.98 -6.42 24.62
N ALA A 439 -36.18 -5.94 24.95
CA ALA A 439 -36.34 -4.53 25.28
C ALA A 439 -35.60 -4.15 26.55
N GLY A 440 -35.60 -5.02 27.56
CA GLY A 440 -34.98 -4.70 28.82
C GLY A 440 -33.47 -4.53 28.72
N THR A 441 -32.80 -5.44 28.02
CA THR A 441 -31.35 -5.39 27.92
C THR A 441 -30.90 -4.20 27.06
N ARG A 442 -29.66 -3.78 27.27
CA ARG A 442 -29.13 -2.61 26.60
C ARG A 442 -27.78 -2.84 25.92
N ASN A 443 -27.10 -3.95 26.19
CA ASN A 443 -25.77 -4.20 25.65
C ASN A 443 -25.76 -5.42 24.74
N ILE A 444 -24.87 -5.41 23.77
CA ILE A 444 -24.74 -6.47 22.78
C ILE A 444 -23.64 -7.42 23.21
N TYR A 445 -23.92 -8.72 23.20
CA TYR A 445 -22.97 -9.74 23.62
C TYR A 445 -22.38 -10.43 22.41
N TYR A 446 -21.05 -10.48 22.36
CA TYR A 446 -20.33 -11.12 21.26
C TYR A 446 -19.24 -12.02 21.82
N LEU A 447 -19.05 -13.18 21.19
CA LEU A 447 -18.03 -14.13 21.59
C LEU A 447 -17.14 -14.45 20.39
N CYS A 448 -15.83 -14.39 20.60
CA CYS A 448 -14.86 -14.62 19.53
C CYS A 448 -14.27 -16.01 19.68
N ALA A 449 -14.51 -16.86 18.70
CA ALA A 449 -14.04 -18.24 18.71
C ALA A 449 -13.56 -18.63 17.31
N PRO A 450 -12.64 -19.59 17.22
CA PRO A 450 -12.20 -20.04 15.89
C PRO A 450 -13.31 -20.62 15.03
N ASN A 451 -14.31 -21.27 15.62
CA ASN A 451 -15.40 -21.85 14.86
C ASN A 451 -16.63 -21.96 15.73
N ARG A 452 -17.77 -22.26 15.09
CA ARG A 452 -19.05 -22.30 15.80
C ARG A 452 -19.11 -23.47 16.78
N HIS A 453 -18.58 -24.63 16.37
CA HIS A 453 -18.69 -25.82 17.21
C HIS A 453 -18.04 -25.62 18.56
N LEU A 454 -16.84 -25.03 18.57
CA LEU A 454 -16.15 -24.81 19.84
C LEU A 454 -16.79 -23.66 20.62
N ALA A 455 -17.39 -22.70 19.92
CA ALA A 455 -18.04 -21.57 20.59
C ALA A 455 -19.27 -22.01 21.37
N GLU A 456 -20.04 -22.94 20.82
CA GLU A 456 -21.29 -23.37 21.46
C GLU A 456 -21.06 -24.19 22.71
N HIS A 457 -19.82 -24.58 23.01
CA HIS A 457 -19.53 -25.39 24.19
C HIS A 457 -18.73 -24.65 25.25
N SER A 458 -18.23 -23.45 24.97
CA SER A 458 -17.45 -22.72 25.95
C SER A 458 -18.33 -22.35 27.14
N PRO A 459 -17.82 -22.45 28.37
CA PRO A 459 -18.68 -22.18 29.54
C PRO A 459 -19.15 -20.74 29.62
N TYR A 460 -18.48 -19.82 28.95
CA TYR A 460 -18.99 -18.46 28.84
C TYR A 460 -20.26 -18.40 28.01
N TYR A 461 -20.49 -19.38 27.14
CA TYR A 461 -21.66 -19.33 26.27
C TYR A 461 -22.91 -19.79 26.99
N GLU A 462 -22.88 -20.99 27.60
CA GLU A 462 -24.09 -21.43 28.29
C GLU A 462 -24.32 -20.70 29.60
N ALA A 463 -23.39 -19.83 30.01
CA ALA A 463 -23.64 -19.00 31.18
C ALA A 463 -24.85 -18.11 30.97
N MET A 464 -25.00 -17.56 29.77
CA MET A 464 -26.20 -16.81 29.40
C MET A 464 -27.27 -17.67 28.74
N LYS A 465 -27.01 -18.96 28.53
CA LYS A 465 -28.04 -19.83 27.97
C LYS A 465 -29.11 -20.19 28.98
N LYS A 466 -28.85 -20.00 30.28
CA LYS A 466 -29.90 -20.16 31.28
C LYS A 466 -31.04 -19.18 31.02
N LYS A 467 -30.70 -17.93 30.70
CA LYS A 467 -31.68 -16.97 30.25
C LYS A 467 -31.86 -17.10 28.74
N ASP A 468 -32.71 -16.26 28.16
CA ASP A 468 -33.02 -16.32 26.74
C ASP A 468 -32.29 -15.26 25.93
N THR A 469 -31.09 -14.89 26.35
CA THR A 469 -30.32 -13.88 25.62
C THR A 469 -29.71 -14.49 24.35
N GLU A 470 -29.24 -13.60 23.48
CA GLU A 470 -28.64 -13.99 22.21
C GLU A 470 -27.23 -13.41 22.13
N VAL A 471 -26.30 -14.22 21.63
CA VAL A 471 -24.90 -13.82 21.51
C VAL A 471 -24.43 -14.06 20.09
N LEU A 472 -23.69 -13.10 19.54
CA LEU A 472 -23.10 -13.25 18.23
C LEU A 472 -21.79 -14.02 18.33
N PHE A 473 -21.61 -14.98 17.43
CA PHE A 473 -20.40 -15.78 17.37
C PHE A 473 -19.45 -15.16 16.36
N CYS A 474 -18.26 -14.79 16.82
CA CYS A 474 -17.25 -14.16 15.98
C CYS A 474 -16.20 -15.19 15.58
N PHE A 475 -15.94 -15.30 14.28
CA PHE A 475 -15.07 -16.33 13.75
C PHE A 475 -13.82 -15.77 13.08
N GLU A 476 -13.98 -14.78 12.20
CA GLU A 476 -12.87 -14.29 11.40
C GLU A 476 -11.82 -13.64 12.30
N GLN A 477 -10.58 -13.67 11.83
CA GLN A 477 -9.48 -13.07 12.58
C GLN A 477 -9.58 -11.55 12.47
N PHE A 478 -9.03 -10.87 13.48
CA PHE A 478 -8.98 -9.41 13.61
C PHE A 478 -10.36 -8.89 14.00
N ASP A 479 -11.34 -9.79 14.06
CA ASP A 479 -12.70 -9.41 14.42
C ASP A 479 -12.78 -9.10 15.92
N GLU A 480 -12.04 -9.85 16.74
CA GLU A 480 -11.90 -9.47 18.15
C GLU A 480 -11.27 -8.10 18.28
N LEU A 481 -10.41 -7.73 17.33
CA LEU A 481 -9.72 -6.44 17.41
C LEU A 481 -10.69 -5.28 17.15
N THR A 482 -11.58 -5.44 16.17
CA THR A 482 -12.45 -4.33 15.78
C THR A 482 -13.58 -4.10 16.77
N LEU A 483 -14.05 -5.14 17.45
CA LEU A 483 -15.17 -4.96 18.38
C LEU A 483 -14.78 -4.08 19.56
N LEU A 484 -13.55 -4.20 20.06
CA LEU A 484 -13.09 -3.31 21.12
C LEU A 484 -13.04 -1.87 20.65
N HIS A 485 -12.57 -1.64 19.43
CA HIS A 485 -12.50 -0.28 18.89
C HIS A 485 -13.88 0.25 18.56
N LEU A 486 -14.77 -0.60 18.05
CA LEU A 486 -16.13 -0.16 17.78
C LEU A 486 -16.84 0.22 19.08
N ARG A 487 -16.82 -0.69 20.05
CA ARG A 487 -17.14 -0.39 21.45
C ARG A 487 -18.60 0.01 21.67
N GLU A 488 -19.37 0.15 20.59
CA GLU A 488 -20.74 0.64 20.70
C GLU A 488 -21.43 0.52 19.36
N PHE A 489 -22.72 0.19 19.38
CA PHE A 489 -23.52 0.15 18.16
C PHE A 489 -24.95 0.52 18.51
N ASP A 490 -25.47 1.57 17.85
CA ASP A 490 -26.84 2.04 18.06
C ASP A 490 -27.10 2.31 19.54
N LYS A 491 -26.16 3.01 20.17
CA LYS A 491 -26.20 3.37 21.59
C LYS A 491 -26.16 2.14 22.49
N LYS A 492 -25.94 0.95 21.93
CA LYS A 492 -25.85 -0.28 22.70
C LYS A 492 -24.38 -0.70 22.79
N LYS A 493 -23.88 -0.85 24.01
CA LYS A 493 -22.48 -1.20 24.20
C LYS A 493 -22.23 -2.66 23.79
N LEU A 494 -21.01 -2.92 23.35
CA LEU A 494 -20.58 -4.26 22.96
C LEU A 494 -19.82 -4.87 24.13
N ILE A 495 -20.34 -5.95 24.69
CA ILE A 495 -19.76 -6.60 25.86
C ILE A 495 -19.18 -7.93 25.44
N SER A 496 -17.88 -8.10 25.68
CA SER A 496 -17.24 -9.38 25.42
C SER A 496 -17.69 -10.39 26.46
N VAL A 497 -18.06 -11.58 26.00
CA VAL A 497 -18.57 -12.61 26.90
C VAL A 497 -17.49 -13.08 27.86
N GLU A 498 -16.23 -13.10 27.41
CA GLU A 498 -15.15 -13.58 28.26
C GLU A 498 -15.00 -12.73 29.52
N THR A 499 -15.10 -11.41 29.38
CA THR A 499 -14.93 -10.51 30.52
C THR A 499 -16.08 -10.57 31.52
N ASP A 500 -17.20 -11.21 31.16
CA ASP A 500 -18.34 -11.27 32.07
C ASP A 500 -18.12 -12.27 33.19
N ILE A 501 -17.67 -13.48 32.83
CA ILE A 501 -17.45 -14.56 33.79
C ILE A 501 -18.70 -14.82 34.63
N GLU A 519 -27.36 -49.58 24.77
CA GLU A 519 -27.64 -48.23 24.29
C GLU A 519 -26.77 -47.20 25.01
N CYS A 520 -26.32 -47.55 26.21
CA CYS A 520 -25.48 -46.66 27.00
C CYS A 520 -24.74 -47.48 28.05
N LEU A 521 -23.53 -47.04 28.36
CA LEU A 521 -22.73 -47.71 29.38
C LEU A 521 -23.31 -47.42 30.77
N SER A 522 -23.14 -48.38 31.67
CA SER A 522 -23.60 -48.21 33.05
C SER A 522 -22.78 -47.13 33.74
N GLU A 523 -23.41 -46.45 34.70
CA GLU A 523 -22.75 -45.35 35.39
C GLU A 523 -21.54 -45.83 36.18
N LYS A 524 -21.68 -46.97 36.87
CA LYS A 524 -20.58 -47.48 37.68
C LYS A 524 -19.36 -47.81 36.82
N GLU A 525 -19.59 -48.47 35.68
CA GLU A 525 -18.48 -48.89 34.84
C GLU A 525 -17.89 -47.72 34.06
N THR A 526 -18.70 -46.71 33.75
CA THR A 526 -18.19 -45.54 33.02
C THR A 526 -17.21 -44.75 33.87
N GLU A 527 -17.47 -44.62 35.18
CA GLU A 527 -16.61 -43.82 36.04
C GLU A 527 -15.20 -44.40 36.13
N GLU A 528 -15.08 -45.73 36.24
CA GLU A 528 -13.77 -46.34 36.31
C GLU A 528 -13.01 -46.18 35.01
N LEU A 529 -13.74 -46.03 33.89
CA LEU A 529 -13.09 -45.71 32.63
C LEU A 529 -12.57 -44.27 32.61
N MET A 530 -13.30 -43.35 33.25
CA MET A 530 -12.87 -41.96 33.28
C MET A 530 -11.54 -41.80 34.00
N ALA A 531 -11.36 -42.51 35.12
CA ALA A 531 -10.12 -42.39 35.88
C ALA A 531 -8.93 -42.88 35.06
N TRP A 532 -9.10 -43.96 34.30
CA TRP A 532 -8.01 -44.46 33.47
C TRP A 532 -7.63 -43.45 32.39
N MET A 533 -8.62 -42.82 31.76
CA MET A 533 -8.33 -41.84 30.72
C MET A 533 -7.63 -40.62 31.29
N ARG A 534 -7.89 -40.28 32.55
CA ARG A 534 -7.16 -39.20 33.22
C ARG A 534 -5.74 -39.58 33.59
N ASN A 535 -5.36 -40.85 33.43
CA ASN A 535 -3.98 -41.27 33.64
C ASN A 535 -3.18 -41.26 32.34
N VAL A 536 -3.71 -41.90 31.30
CA VAL A 536 -3.01 -41.95 30.01
C VAL A 536 -3.03 -40.57 29.34
N LEU A 537 -4.14 -39.84 29.45
CA LEU A 537 -4.23 -38.46 28.97
C LEU A 537 -4.16 -37.45 30.11
N GLY A 538 -3.37 -37.74 31.14
CA GLY A 538 -3.31 -36.83 32.28
C GLY A 538 -2.72 -35.48 31.94
N SER A 539 -1.63 -35.48 31.18
CA SER A 539 -0.95 -34.22 30.85
C SER A 539 -1.79 -33.39 29.88
N ARG A 540 -2.29 -34.02 28.81
CA ARG A 540 -2.97 -33.27 27.76
C ARG A 540 -4.35 -32.80 28.22
N VAL A 541 -5.11 -33.67 28.86
CA VAL A 541 -6.50 -33.39 29.22
C VAL A 541 -6.60 -33.14 30.72
N THR A 542 -7.21 -32.02 31.09
CA THR A 542 -7.43 -31.72 32.50
C THR A 542 -8.44 -32.69 33.12
N ASN A 543 -9.58 -32.88 32.45
CA ASN A 543 -10.64 -33.72 32.98
C ASN A 543 -11.52 -34.19 31.84
N VAL A 544 -12.12 -35.36 32.02
CA VAL A 544 -13.02 -35.96 31.05
C VAL A 544 -14.41 -36.01 31.65
N LYS A 545 -15.40 -35.57 30.88
CA LYS A 545 -16.78 -35.49 31.34
C LYS A 545 -17.70 -36.19 30.36
N VAL A 546 -18.86 -36.60 30.85
CA VAL A 546 -19.86 -37.31 30.06
C VAL A 546 -20.68 -36.30 29.29
N THR A 547 -21.01 -36.64 28.05
CA THR A 547 -21.83 -35.80 27.19
C THR A 547 -23.08 -36.56 26.77
N LEU A 548 -24.24 -35.93 26.95
CA LEU A 548 -25.53 -36.53 26.62
C LEU A 548 -26.12 -35.99 25.34
N ARG A 549 -25.34 -35.27 24.54
CA ARG A 549 -25.82 -34.63 23.31
C ARG A 549 -24.94 -35.03 22.12
N LEU A 550 -24.67 -36.33 21.99
CA LEU A 550 -23.86 -36.86 20.91
C LEU A 550 -24.64 -37.95 20.17
N ASP A 551 -24.53 -37.93 18.84
CA ASP A 551 -25.19 -38.88 17.97
C ASP A 551 -24.21 -39.83 17.29
N THR A 552 -23.14 -39.29 16.69
CA THR A 552 -22.17 -40.13 15.99
C THR A 552 -20.72 -39.77 16.28
N HIS A 553 -20.47 -38.74 17.08
CA HIS A 553 -19.10 -38.36 17.42
C HIS A 553 -18.74 -38.96 18.77
N PRO A 554 -17.70 -39.81 18.85
CA PRO A 554 -17.32 -40.36 20.15
C PRO A 554 -16.91 -39.32 21.17
N ALA A 555 -16.31 -38.21 20.73
CA ALA A 555 -15.80 -37.21 21.66
C ALA A 555 -15.50 -35.91 20.93
N MET A 556 -15.76 -34.79 21.59
CA MET A 556 -15.20 -33.51 21.20
C MET A 556 -14.21 -33.04 22.25
N VAL A 557 -13.73 -31.81 22.10
CA VAL A 557 -12.92 -31.14 23.10
C VAL A 557 -13.53 -29.77 23.36
N THR A 558 -13.44 -29.33 24.61
CA THR A 558 -13.97 -28.05 25.04
C THR A 558 -12.87 -27.23 25.68
N VAL A 559 -12.90 -25.92 25.47
CA VAL A 559 -11.89 -25.02 26.02
C VAL A 559 -12.55 -24.11 27.04
N LEU A 560 -11.74 -23.66 28.00
CA LEU A 560 -12.19 -22.69 29.00
C LEU A 560 -11.65 -21.29 28.74
N GLU A 561 -10.69 -21.15 27.81
CA GLU A 561 -9.86 -19.97 27.70
C GLU A 561 -9.71 -19.55 26.24
N MET A 562 -10.82 -19.33 25.54
CA MET A 562 -10.81 -18.91 24.14
C MET A 562 -9.78 -17.83 23.82
N GLY A 563 -9.42 -17.00 24.81
CA GLY A 563 -8.29 -16.10 24.62
C GLY A 563 -7.01 -16.85 24.28
N ALA A 564 -6.79 -17.99 24.93
CA ALA A 564 -5.66 -18.85 24.64
C ALA A 564 -5.96 -19.89 23.56
N ALA A 565 -7.22 -20.05 23.16
CA ALA A 565 -7.52 -20.96 22.06
C ALA A 565 -6.93 -20.47 20.76
N ARG A 566 -7.00 -19.16 20.51
CA ARG A 566 -6.34 -18.59 19.35
C ARG A 566 -4.82 -18.71 19.45
N HIS A 567 -4.29 -18.71 20.67
CA HIS A 567 -2.87 -18.94 20.87
C HIS A 567 -2.46 -20.32 20.37
N PHE A 568 -3.32 -21.32 20.60
CA PHE A 568 -3.04 -22.67 20.10
C PHE A 568 -3.00 -22.68 18.58
N LEU A 569 -3.94 -22.00 17.92
CA LEU A 569 -3.98 -21.99 16.46
C LEU A 569 -2.76 -21.29 15.87
N ARG A 570 -2.33 -20.18 16.47
CA ARG A 570 -1.19 -19.45 15.94
C ARG A 570 0.10 -20.24 16.09
N MET A 571 0.18 -21.09 17.10
CA MET A 571 1.37 -21.92 17.33
C MET A 571 1.36 -23.22 16.53
N GLN A 572 0.30 -23.47 15.75
CA GLN A 572 0.29 -24.67 14.91
C GLN A 572 1.35 -24.57 13.82
N GLN A 573 1.56 -23.38 13.28
CA GLN A 573 2.56 -23.20 12.23
C GLN A 573 3.98 -23.44 12.76
N LEU A 574 4.26 -22.94 13.97
CA LEU A 574 5.62 -22.98 14.51
C LEU A 574 5.59 -23.56 15.92
N ALA A 575 6.45 -24.55 16.17
CA ALA A 575 6.64 -25.15 17.49
C ALA A 575 5.34 -25.76 18.02
N LYS A 576 4.86 -26.78 17.32
CA LYS A 576 3.69 -27.55 17.73
C LYS A 576 4.08 -28.85 18.44
N THR A 577 5.21 -28.86 19.14
CA THR A 577 5.68 -30.06 19.82
C THR A 577 4.64 -30.58 20.80
N GLN A 578 4.40 -31.89 20.75
CA GLN A 578 3.28 -32.48 21.49
C GLN A 578 3.47 -32.32 23.00
N GLU A 579 4.69 -32.49 23.50
CA GLU A 579 4.91 -32.43 24.94
C GLU A 579 4.56 -31.07 25.51
N GLU A 580 4.92 -30.00 24.79
CA GLU A 580 4.65 -28.65 25.25
C GLU A 580 3.24 -28.18 24.93
N ARG A 581 2.48 -28.95 24.15
CA ARG A 581 1.12 -28.54 23.80
C ARG A 581 0.20 -28.52 25.01
N ALA A 582 0.37 -29.49 25.92
CA ALA A 582 -0.53 -29.62 27.06
C ALA A 582 -0.48 -28.40 27.96
N GLN A 583 0.72 -27.88 28.21
CA GLN A 583 0.88 -26.79 29.18
C GLN A 583 0.30 -25.48 28.66
N LEU A 584 0.27 -25.29 27.33
CA LEU A 584 -0.14 -23.99 26.78
C LEU A 584 -1.62 -23.72 27.02
N LEU A 585 -2.48 -24.68 26.71
CA LEU A 585 -3.92 -24.46 26.76
C LEU A 585 -4.66 -25.34 27.75
N GLN A 586 -4.16 -26.55 28.02
CA GLN A 586 -4.83 -27.54 28.87
C GLN A 586 -6.24 -27.85 28.36
N PRO A 587 -6.36 -28.52 27.20
CA PRO A 587 -7.69 -28.82 26.66
C PRO A 587 -8.49 -29.74 27.57
N THR A 588 -9.81 -29.56 27.54
CA THR A 588 -10.75 -30.44 28.22
C THR A 588 -11.44 -31.34 27.21
N LEU A 589 -11.67 -32.59 27.59
CA LEU A 589 -12.27 -33.60 26.73
C LEU A 589 -13.63 -34.02 27.26
N GLU A 590 -14.57 -34.25 26.34
CA GLU A 590 -15.89 -34.77 26.67
C GLU A 590 -16.21 -35.93 25.74
N ILE A 591 -16.82 -36.99 26.28
CA ILE A 591 -17.14 -38.18 25.52
C ILE A 591 -18.57 -38.59 25.81
N ASN A 592 -19.09 -39.50 24.98
CA ASN A 592 -20.40 -40.09 25.19
C ASN A 592 -20.27 -41.61 25.27
N PRO A 593 -20.87 -42.25 26.29
CA PRO A 593 -20.80 -43.72 26.37
C PRO A 593 -21.61 -44.42 25.30
N ARG A 594 -22.56 -43.74 24.66
CA ARG A 594 -23.42 -44.39 23.68
C ARG A 594 -22.68 -44.74 22.39
N HIS A 595 -21.52 -44.15 22.14
CA HIS A 595 -20.78 -44.41 20.93
C HIS A 595 -20.13 -45.80 20.99
N ALA A 596 -19.99 -46.41 19.81
CA ALA A 596 -19.42 -47.75 19.74
C ALA A 596 -17.94 -47.76 20.12
N LEU A 597 -17.18 -46.75 19.68
CA LEU A 597 -15.77 -46.69 20.01
C LEU A 597 -15.56 -46.58 21.51
N ILE A 598 -16.33 -45.72 22.18
CA ILE A 598 -16.26 -45.62 23.63
C ILE A 598 -16.72 -46.92 24.27
N LYS A 599 -17.81 -47.50 23.76
CA LYS A 599 -18.26 -48.80 24.25
C LYS A 599 -17.26 -49.90 23.96
N LYS A 600 -16.42 -49.75 22.94
CA LYS A 600 -15.42 -50.77 22.63
C LYS A 600 -14.23 -50.69 23.58
N LEU A 601 -13.89 -49.50 24.08
CA LEU A 601 -12.72 -49.33 24.93
C LEU A 601 -12.84 -50.04 26.27
N ASN A 602 -14.04 -50.51 26.64
CA ASN A 602 -14.22 -51.15 27.93
C ASN A 602 -13.40 -52.43 28.02
N GLN A 603 -13.52 -53.32 27.03
CA GLN A 603 -12.73 -54.54 27.01
C GLN A 603 -11.29 -54.28 26.56
N LEU A 604 -11.08 -53.29 25.70
CA LEU A 604 -9.73 -52.97 25.25
C LEU A 604 -8.86 -52.48 26.41
N ARG A 605 -9.47 -51.92 27.46
CA ARG A 605 -8.70 -51.42 28.58
C ARG A 605 -7.92 -52.54 29.27
N ALA A 606 -8.48 -53.75 29.30
CA ALA A 606 -7.84 -54.89 29.96
C ALA A 606 -7.30 -55.91 28.98
N SER A 607 -8.07 -56.30 27.96
CA SER A 607 -7.65 -57.37 27.06
C SER A 607 -6.44 -56.94 26.23
N GLU A 608 -6.46 -55.74 25.68
CA GLU A 608 -5.36 -55.22 24.86
C GLU A 608 -4.98 -53.83 25.37
N PRO A 609 -4.25 -53.76 26.48
CA PRO A 609 -3.84 -52.45 27.00
C PRO A 609 -3.00 -51.64 26.03
N GLY A 610 -2.16 -52.30 25.22
CA GLY A 610 -1.34 -51.57 24.26
C GLY A 610 -2.16 -50.90 23.18
N LEU A 611 -3.15 -51.62 22.64
CA LEU A 611 -4.01 -51.03 21.62
C LEU A 611 -4.90 -49.95 22.20
N ALA A 612 -5.39 -50.14 23.43
CA ALA A 612 -6.23 -49.13 24.07
C ALA A 612 -5.46 -47.85 24.31
N GLN A 613 -4.19 -47.97 24.72
CA GLN A 613 -3.37 -46.78 24.96
C GLN A 613 -3.19 -45.97 23.69
N LEU A 614 -3.16 -46.62 22.53
CA LEU A 614 -3.00 -45.90 21.26
C LEU A 614 -4.34 -45.39 20.74
N LEU A 615 -5.43 -46.09 21.02
CA LEU A 615 -6.73 -45.68 20.51
C LEU A 615 -7.27 -44.46 21.24
N VAL A 616 -7.08 -44.40 22.57
CA VAL A 616 -7.58 -43.27 23.34
C VAL A 616 -6.87 -41.98 22.91
N ASP A 617 -5.59 -42.07 22.57
CA ASP A 617 -4.90 -40.92 21.99
C ASP A 617 -5.50 -40.55 20.64
N GLN A 618 -5.84 -41.56 19.82
CA GLN A 618 -6.42 -41.28 18.52
C GLN A 618 -7.80 -40.64 18.66
N ILE A 619 -8.62 -41.15 19.57
CA ILE A 619 -9.94 -40.57 19.79
C ILE A 619 -9.81 -39.12 20.24
N TYR A 620 -8.81 -38.84 21.08
CA TYR A 620 -8.54 -37.47 21.48
C TYR A 620 -8.12 -36.62 20.28
N GLU A 621 -7.36 -37.20 19.36
CA GLU A 621 -6.91 -36.46 18.18
C GLU A 621 -8.07 -36.09 17.28
N ASN A 622 -8.99 -37.02 17.03
CA ASN A 622 -10.15 -36.72 16.19
C ASN A 622 -11.04 -35.67 16.83
N ALA A 623 -11.16 -35.71 18.17
CA ALA A 623 -11.88 -34.66 18.87
C ALA A 623 -11.21 -33.31 18.66
N MET A 624 -9.87 -33.28 18.65
CA MET A 624 -9.16 -32.04 18.37
C MET A 624 -9.43 -31.57 16.95
N ILE A 625 -9.46 -32.50 15.99
CA ILE A 625 -9.65 -32.14 14.59
C ILE A 625 -11.09 -31.66 14.36
N ALA A 626 -12.06 -32.37 14.94
CA ALA A 626 -13.46 -32.02 14.72
C ALA A 626 -13.78 -30.63 15.25
N ALA A 627 -13.20 -30.28 16.40
CA ALA A 627 -13.43 -28.96 16.98
C ALA A 627 -12.63 -27.87 16.27
N GLY A 628 -11.70 -28.22 15.39
CA GLY A 628 -10.99 -27.23 14.61
C GLY A 628 -9.83 -26.56 15.31
N LEU A 629 -9.39 -27.07 16.46
CA LEU A 629 -8.26 -26.46 17.16
C LEU A 629 -6.94 -26.73 16.45
N VAL A 630 -6.88 -27.70 15.55
CA VAL A 630 -5.68 -28.03 14.80
C VAL A 630 -5.98 -27.83 13.31
N ASP A 631 -5.11 -27.07 12.63
CA ASP A 631 -5.31 -26.81 11.22
C ASP A 631 -4.90 -28.00 10.37
N ASP A 632 -3.62 -28.38 10.43
CA ASP A 632 -3.12 -29.53 9.69
C ASP A 632 -2.80 -30.69 10.62
N PRO A 633 -3.54 -31.79 10.57
CA PRO A 633 -3.28 -32.94 11.44
C PRO A 633 -2.16 -33.85 10.94
N ARG A 634 -1.01 -33.25 10.66
CA ARG A 634 0.13 -34.04 10.19
C ARG A 634 0.67 -34.95 11.29
N ALA A 635 0.61 -34.51 12.55
CA ALA A 635 1.20 -35.28 13.63
C ALA A 635 0.49 -36.62 13.84
N MET A 636 -0.84 -36.62 13.76
CA MET A 636 -1.59 -37.85 14.03
C MET A 636 -1.41 -38.90 12.94
N VAL A 637 -0.92 -38.51 11.76
CA VAL A 637 -0.82 -39.46 10.65
C VAL A 637 0.14 -40.57 11.00
N GLY A 638 1.29 -40.23 11.59
CA GLY A 638 2.26 -41.27 11.94
C GLY A 638 1.73 -42.25 12.95
N ARG A 639 1.04 -41.76 13.98
CA ARG A 639 0.48 -42.66 15.00
C ARG A 639 -0.77 -43.38 14.49
N LEU A 640 -1.53 -42.75 13.61
CA LEU A 640 -2.71 -43.42 13.04
C LEU A 640 -2.30 -44.59 12.16
N ASN A 641 -1.23 -44.43 11.36
CA ASN A 641 -0.80 -45.49 10.46
C ASN A 641 -0.38 -46.73 11.23
N GLU A 642 0.38 -46.56 12.32
CA GLU A 642 0.75 -47.70 13.15
C GLU A 642 -0.41 -48.21 13.98
N LEU A 643 -1.46 -47.39 14.17
CA LEU A 643 -2.64 -47.87 14.87
C LEU A 643 -3.44 -48.83 14.02
N LEU A 644 -3.48 -48.60 12.70
CA LEU A 644 -4.29 -49.42 11.82
C LEU A 644 -3.69 -50.82 11.64
N VAL A 645 -2.36 -50.93 11.65
CA VAL A 645 -1.73 -52.22 11.38
C VAL A 645 -2.02 -53.22 12.50
N LYS A 646 -2.07 -52.74 13.75
CA LYS A 646 -2.46 -53.60 14.86
C LYS A 646 -3.95 -53.54 15.15
N ALA A 647 -4.72 -52.77 14.38
CA ALA A 647 -6.17 -52.82 14.45
C ALA A 647 -6.76 -53.89 13.55
N LEU A 648 -5.93 -54.54 12.73
CA LEU A 648 -6.39 -55.57 11.80
C LEU A 648 -5.59 -56.85 11.94
N GLU A 649 -4.92 -57.05 13.08
CA GLU A 649 -3.97 -58.15 13.21
C GLU A 649 -4.66 -59.52 13.13
N ARG A 650 -5.93 -59.61 13.50
CA ARG A 650 -6.65 -60.87 13.48
C ARG A 650 -7.49 -61.07 12.23
N HIS A 651 -7.41 -60.14 11.27
CA HIS A 651 -8.15 -60.28 10.02
C HIS A 651 -7.34 -61.08 9.00
N PRO B 17 -7.78 1.67 -42.58
CA PRO B 17 -8.22 3.07 -42.59
C PRO B 17 -7.25 3.99 -41.87
N LEU B 18 -6.03 4.10 -42.38
CA LEU B 18 -4.99 4.94 -41.81
C LEU B 18 -4.94 6.25 -42.58
N HIS B 19 -5.42 7.33 -41.96
CA HIS B 19 -5.41 8.65 -42.56
C HIS B 19 -4.72 9.61 -41.62
N SER B 20 -3.89 10.50 -42.18
CA SER B 20 -3.17 11.49 -41.40
C SER B 20 -3.22 12.83 -42.11
N ILE B 21 -3.22 13.89 -41.32
CA ILE B 21 -3.22 15.26 -41.84
C ILE B 21 -1.86 15.94 -41.65
N ILE B 22 -0.86 15.19 -41.17
CA ILE B 22 0.45 15.76 -40.90
C ILE B 22 1.23 15.84 -42.21
N SER B 23 1.74 17.03 -42.51
CA SER B 23 2.47 17.25 -43.74
C SER B 23 3.48 18.38 -43.54
N SER B 24 4.33 18.58 -44.54
CA SER B 24 5.37 19.60 -44.52
C SER B 24 5.22 20.56 -45.69
N THR B 25 3.97 20.85 -46.06
CA THR B 25 3.69 21.79 -47.15
C THR B 25 3.96 23.24 -46.77
N GLU B 26 4.22 23.50 -45.49
CA GLU B 26 4.36 24.87 -45.00
C GLU B 26 5.75 25.42 -45.28
N SER B 27 5.81 26.73 -45.58
CA SER B 27 7.05 27.44 -45.80
C SER B 27 6.96 28.81 -45.14
N VAL B 28 8.12 29.37 -44.82
CA VAL B 28 8.22 30.66 -44.16
C VAL B 28 8.58 31.72 -45.20
N GLN B 29 7.83 32.82 -45.21
CA GLN B 29 8.06 33.90 -46.15
C GLN B 29 8.40 35.23 -45.49
N GLY B 30 7.96 35.47 -44.26
CA GLY B 30 8.20 36.73 -43.59
C GLY B 30 9.51 36.75 -42.83
N SER B 31 9.70 37.83 -42.08
CA SER B 31 10.89 38.02 -41.27
C SER B 31 10.56 37.76 -39.80
N THR B 32 11.47 37.06 -39.13
CA THR B 32 11.25 36.71 -37.73
C THR B 32 11.22 37.95 -36.86
N SER B 33 10.39 37.92 -35.82
CA SER B 33 10.23 39.03 -34.91
C SER B 33 10.92 38.73 -33.58
N LYS B 34 11.37 39.78 -32.90
CA LYS B 34 12.04 39.66 -31.62
C LYS B 34 11.02 39.81 -30.50
N HIS B 35 10.98 38.82 -29.60
CA HIS B 35 10.04 38.85 -28.50
C HIS B 35 10.68 38.15 -27.30
N GLU B 36 10.18 38.50 -26.11
CA GLU B 36 10.63 37.88 -24.87
C GLU B 36 9.42 37.40 -24.08
N PHE B 37 9.64 36.37 -23.26
CA PHE B 37 8.55 35.81 -22.48
C PHE B 37 8.09 36.79 -21.41
N GLN B 38 6.77 36.84 -21.20
CA GLN B 38 6.15 37.66 -20.17
C GLN B 38 5.59 36.77 -19.07
N ALA B 39 4.94 37.39 -18.09
CA ALA B 39 4.37 36.65 -16.98
C ALA B 39 3.31 37.51 -16.30
N GLU B 40 2.11 36.97 -16.15
CA GLU B 40 1.04 37.66 -15.41
C GLU B 40 1.32 37.52 -13.92
N THR B 41 1.75 38.62 -13.30
CA THR B 41 2.12 38.56 -11.89
C THR B 41 0.92 38.27 -11.00
N LYS B 42 -0.24 38.86 -11.30
CA LYS B 42 -1.43 38.61 -10.48
C LYS B 42 -1.84 37.16 -10.56
N LYS B 43 -1.85 36.58 -11.78
CA LYS B 43 -2.20 35.18 -11.92
C LYS B 43 -1.16 34.28 -11.29
N LEU B 44 0.11 34.68 -11.34
CA LEU B 44 1.16 33.89 -10.67
C LEU B 44 0.95 33.88 -9.16
N LEU B 45 0.62 35.03 -8.57
CA LEU B 45 0.30 35.07 -7.15
C LEU B 45 -0.91 34.20 -6.84
N ASP B 46 -1.93 34.26 -7.69
CA ASP B 46 -3.11 33.41 -7.48
C ASP B 46 -2.74 31.93 -7.52
N ILE B 47 -1.90 31.54 -8.47
CA ILE B 47 -1.49 30.15 -8.59
C ILE B 47 -0.69 29.72 -7.35
N VAL B 48 0.24 30.56 -6.92
CA VAL B 48 1.09 30.20 -5.78
C VAL B 48 0.27 30.10 -4.51
N ALA B 49 -0.66 31.03 -4.29
CA ALA B 49 -1.42 31.09 -3.06
C ALA B 49 -2.70 30.28 -3.10
N ARG B 50 -3.02 29.65 -4.23
CA ARG B 50 -4.27 28.89 -4.28
C ARG B 50 -4.11 27.47 -4.78
N SER B 51 -3.23 27.24 -5.75
CA SER B 51 -3.11 25.94 -6.40
C SER B 51 -1.66 25.53 -6.56
N LEU B 52 -0.84 25.78 -5.54
CA LEU B 52 0.55 25.33 -5.54
C LEU B 52 0.85 24.36 -4.41
N TYR B 53 0.52 24.72 -3.17
CA TYR B 53 0.79 23.88 -2.02
C TYR B 53 -0.50 23.17 -1.61
N SER B 54 -0.45 21.84 -1.57
CA SER B 54 -1.63 21.06 -1.22
C SER B 54 -2.06 21.31 0.23
N GLU B 55 -1.11 21.41 1.13
CA GLU B 55 -1.38 21.60 2.55
C GLU B 55 -1.20 23.07 2.90
N LYS B 56 -2.22 23.66 3.52
CA LYS B 56 -2.23 25.10 3.77
C LYS B 56 -1.29 25.51 4.90
N GLU B 57 -0.83 24.57 5.72
CA GLU B 57 -0.01 24.89 6.87
C GLU B 57 1.48 24.97 6.55
N VAL B 58 1.86 24.76 5.28
CA VAL B 58 3.29 24.81 4.91
C VAL B 58 3.80 26.23 4.77
N PHE B 59 2.97 27.24 4.97
CA PHE B 59 3.43 28.61 4.80
C PHE B 59 4.45 29.00 5.87
N ILE B 60 4.22 28.60 7.13
CA ILE B 60 5.23 28.87 8.13
C ILE B 60 6.42 27.94 8.00
N ARG B 61 6.26 26.76 7.39
CA ARG B 61 7.44 25.96 7.06
C ARG B 61 8.32 26.71 6.08
N GLU B 62 7.72 27.29 5.04
CA GLU B 62 8.48 28.08 4.08
C GLU B 62 9.12 29.30 4.74
N LEU B 63 8.38 29.97 5.62
CA LEU B 63 8.92 31.16 6.27
C LEU B 63 10.02 30.82 7.26
N ILE B 64 9.92 29.69 7.95
CA ILE B 64 10.99 29.23 8.83
C ILE B 64 12.21 28.83 8.01
N SER B 65 12.00 28.24 6.85
CA SER B 65 13.12 27.96 5.94
C SER B 65 13.79 29.26 5.51
N ASN B 66 13.00 30.29 5.21
CA ASN B 66 13.56 31.59 4.84
C ASN B 66 14.36 32.18 6.00
N ALA B 67 13.84 32.08 7.21
CA ALA B 67 14.55 32.59 8.39
C ALA B 67 15.86 31.83 8.60
N SER B 68 15.83 30.51 8.43
CA SER B 68 17.05 29.72 8.55
C SER B 68 18.07 30.10 7.49
N ASP B 69 17.61 30.33 6.26
CA ASP B 69 18.51 30.77 5.20
C ASP B 69 19.12 32.13 5.52
N ALA B 70 18.31 33.05 6.04
CA ALA B 70 18.84 34.36 6.41
C ALA B 70 19.86 34.25 7.54
N LEU B 71 19.58 33.42 8.54
CA LEU B 71 20.52 33.25 9.64
C LEU B 71 21.81 32.61 9.15
N GLU B 72 21.72 31.65 8.23
CA GLU B 72 22.93 31.04 7.67
C GLU B 72 23.72 32.05 6.85
N LYS B 73 23.03 32.90 6.09
CA LYS B 73 23.73 33.96 5.37
C LYS B 73 24.46 34.89 6.31
N LEU B 74 23.81 35.28 7.40
CA LEU B 74 24.47 36.17 8.36
C LEU B 74 25.66 35.49 9.02
N ARG B 75 25.51 34.21 9.38
CA ARG B 75 26.62 33.49 10.00
C ARG B 75 27.80 33.37 9.03
N HIS B 76 27.53 33.05 7.77
CA HIS B 76 28.60 32.96 6.78
C HIS B 76 29.26 34.30 6.57
N LYS B 77 28.48 35.38 6.53
CA LYS B 77 29.05 36.72 6.39
C LYS B 77 29.93 37.07 7.57
N LEU B 78 29.50 36.73 8.78
CA LEU B 78 30.24 37.12 9.98
C LEU B 78 31.41 36.20 10.29
N VAL B 79 31.47 35.01 9.69
CA VAL B 79 32.66 34.17 9.80
C VAL B 79 33.61 34.35 8.63
N SER B 80 33.14 34.92 7.50
CA SER B 80 34.05 35.21 6.40
C SER B 80 35.06 36.27 6.80
N ASP B 81 34.62 37.29 7.54
CA ASP B 81 35.53 38.31 8.08
C ASP B 81 36.06 37.94 9.45
N GLY B 82 35.62 36.81 10.02
CA GLY B 82 36.20 36.29 11.24
C GLY B 82 36.04 37.15 12.48
N GLN B 83 34.84 37.65 12.73
CA GLN B 83 34.57 38.42 13.94
C GLN B 83 33.54 37.68 14.80
N ALA B 84 33.09 38.35 15.87
CA ALA B 84 32.22 37.72 16.84
C ALA B 84 30.87 37.36 16.23
N LEU B 85 30.30 36.25 16.71
CA LEU B 85 29.01 35.77 16.23
C LEU B 85 27.93 36.10 17.25
N PRO B 86 26.95 36.92 16.93
CA PRO B 86 25.89 37.24 17.89
C PRO B 86 24.89 36.10 17.98
N GLU B 87 23.92 36.27 18.88
CA GLU B 87 22.91 35.25 19.07
C GLU B 87 22.03 35.10 17.83
N MET B 88 21.75 33.87 17.45
CA MET B 88 20.94 33.54 16.29
C MET B 88 19.73 32.75 16.74
N GLU B 89 18.55 33.19 16.33
CA GLU B 89 17.32 32.57 16.81
C GLU B 89 16.17 32.92 15.88
N ILE B 90 15.12 32.10 15.94
CA ILE B 90 13.90 32.29 15.16
C ILE B 90 12.73 32.30 16.13
N HIS B 91 11.88 33.31 16.04
CA HIS B 91 10.77 33.49 16.96
C HIS B 91 9.44 33.33 16.23
N LEU B 92 8.58 32.48 16.78
CA LEU B 92 7.21 32.28 16.31
C LEU B 92 6.28 32.87 17.36
N GLN B 93 5.77 34.06 17.08
CA GLN B 93 4.86 34.75 17.99
C GLN B 93 3.44 34.63 17.46
N THR B 94 2.51 34.26 18.35
CA THR B 94 1.11 34.05 18.00
C THR B 94 0.23 34.92 18.87
N ASN B 95 -0.70 35.63 18.24
CA ASN B 95 -1.62 36.53 18.93
C ASN B 95 -3.04 36.14 18.53
N ALA B 96 -3.69 35.31 19.35
CA ALA B 96 -5.02 34.80 19.01
C ALA B 96 -6.05 35.92 18.93
N GLU B 97 -5.99 36.89 19.85
CA GLU B 97 -6.97 37.97 19.86
C GLU B 97 -6.87 38.81 18.59
N LYS B 98 -5.66 39.13 18.15
CA LYS B 98 -5.47 39.87 16.91
C LYS B 98 -5.57 39.00 15.68
N GLY B 99 -5.53 37.68 15.83
CA GLY B 99 -5.57 36.79 14.68
C GLY B 99 -4.37 36.92 13.78
N THR B 100 -3.18 37.05 14.36
CA THR B 100 -1.96 37.25 13.60
C THR B 100 -0.86 36.31 14.11
N ILE B 101 0.07 35.99 13.23
CA ILE B 101 1.23 35.18 13.57
C ILE B 101 2.48 35.93 13.14
N THR B 102 3.47 35.99 14.02
CA THR B 102 4.70 36.74 13.78
C THR B 102 5.87 35.77 13.65
N ILE B 103 6.69 35.98 12.63
CA ILE B 103 7.86 35.15 12.37
C ILE B 103 9.05 36.10 12.26
N GLN B 104 9.79 36.27 13.35
CA GLN B 104 10.91 37.19 13.39
C GLN B 104 12.21 36.42 13.59
N ASP B 105 13.22 36.77 12.82
CA ASP B 105 14.54 36.17 12.93
C ASP B 105 15.60 37.27 12.98
N THR B 106 16.82 36.87 13.33
CA THR B 106 17.93 37.80 13.48
C THR B 106 18.96 37.57 12.37
N GLY B 107 18.48 37.39 11.14
CA GLY B 107 19.35 37.09 10.02
C GLY B 107 20.04 38.32 9.46
N ILE B 108 20.44 38.21 8.19
CA ILE B 108 21.14 39.31 7.53
C ILE B 108 20.24 40.54 7.45
N GLY B 109 18.99 40.35 7.06
CA GLY B 109 18.11 41.45 6.77
C GLY B 109 18.24 41.92 5.33
N MET B 110 17.33 42.78 4.93
CA MET B 110 17.21 43.22 3.55
C MET B 110 17.02 44.73 3.48
N THR B 111 17.70 45.35 2.52
CA THR B 111 17.57 46.78 2.28
C THR B 111 16.38 47.04 1.37
N GLN B 112 16.20 48.29 0.94
CA GLN B 112 15.13 48.62 0.01
C GLN B 112 15.33 47.90 -1.33
N GLU B 113 16.55 47.92 -1.85
CA GLU B 113 16.82 47.26 -3.11
C GLU B 113 16.59 45.76 -3.02
N GLU B 114 17.07 45.14 -1.94
CA GLU B 114 16.86 43.70 -1.76
C GLU B 114 15.40 43.37 -1.52
N LEU B 115 14.69 44.24 -0.78
CA LEU B 115 13.26 44.02 -0.56
C LEU B 115 12.49 44.05 -1.89
N VAL B 116 12.81 45.00 -2.76
CA VAL B 116 12.11 45.08 -4.03
C VAL B 116 12.51 43.92 -4.94
N SER B 117 13.81 43.58 -4.97
CA SER B 117 14.29 42.57 -5.91
C SER B 117 13.82 41.18 -5.52
N ASN B 118 13.88 40.83 -4.24
CA ASN B 118 13.54 39.49 -3.79
C ASN B 118 12.05 39.33 -3.53
N LEU B 119 11.50 40.17 -2.65
CA LEU B 119 10.10 40.00 -2.24
C LEU B 119 9.16 40.40 -3.36
N GLY B 120 9.51 41.41 -4.14
CA GLY B 120 8.63 41.90 -5.18
C GLY B 120 8.68 41.14 -6.49
N THR B 121 9.60 40.19 -6.65
CA THR B 121 9.76 39.45 -7.89
C THR B 121 9.50 37.98 -7.64
N ILE B 122 8.66 37.38 -8.47
CA ILE B 122 8.39 35.95 -8.40
C ILE B 122 9.57 35.19 -8.99
N ALA B 123 9.92 34.07 -8.36
CA ALA B 123 11.00 33.16 -8.76
C ALA B 123 12.39 33.77 -8.62
N ARG B 124 12.50 35.02 -8.15
CA ARG B 124 13.80 35.62 -7.87
C ARG B 124 14.15 35.29 -6.43
N SER B 125 15.19 34.47 -6.24
CA SER B 125 15.61 34.04 -4.91
C SER B 125 17.00 34.61 -4.63
N GLY B 126 17.13 35.35 -3.54
CA GLY B 126 18.43 35.83 -3.12
C GLY B 126 19.33 34.73 -2.58
N SER B 127 18.74 33.64 -2.07
CA SER B 127 19.53 32.51 -1.59
C SER B 127 20.29 31.86 -2.74
N LYS B 128 19.65 31.69 -3.89
CA LYS B 128 20.33 31.10 -5.04
C LYS B 128 21.47 32.00 -5.52
N ALA B 129 21.23 33.32 -5.57
CA ALA B 129 22.30 34.23 -5.93
C ALA B 129 23.43 34.20 -4.90
N PHE B 130 23.08 34.15 -3.61
CA PHE B 130 24.09 34.02 -2.57
C PHE B 130 24.84 32.70 -2.72
N LEU B 131 24.13 31.63 -3.06
CA LEU B 131 24.80 30.34 -3.25
C LEU B 131 25.77 30.38 -4.41
N ASP B 132 25.38 31.02 -5.53
CA ASP B 132 26.26 31.12 -6.68
C ASP B 132 27.45 32.05 -6.40
N ALA B 133 27.26 33.04 -5.52
CA ALA B 133 28.33 33.95 -5.16
C ALA B 133 29.33 33.35 -4.18
N LEU B 134 29.07 32.13 -3.70
CA LEU B 134 29.97 31.52 -2.72
C LEU B 134 31.35 31.27 -3.31
N GLN B 135 31.41 30.79 -4.55
CA GLN B 135 32.64 30.44 -5.27
C GLN B 135 33.43 29.33 -4.58
N ASN B 136 32.86 28.65 -3.61
CA ASN B 136 33.51 27.50 -2.98
C ASN B 136 32.62 26.26 -2.96
N GLN B 137 31.31 26.43 -2.76
CA GLN B 137 30.35 25.32 -2.79
C GLN B 137 30.73 24.23 -1.80
N ALA B 138 31.26 24.62 -0.65
CA ALA B 138 31.73 23.65 0.34
C ALA B 138 31.24 23.96 1.74
N GLU B 139 30.95 25.24 2.01
CA GLU B 139 30.60 25.68 3.37
C GLU B 139 29.10 25.77 3.57
N ALA B 140 28.41 26.59 2.76
CA ALA B 140 26.98 26.80 2.91
C ALA B 140 26.16 26.29 1.73
N SER B 141 26.79 25.65 0.75
CA SER B 141 26.04 25.16 -0.40
C SER B 141 25.11 24.01 -0.02
N SER B 142 25.47 23.23 0.99
CA SER B 142 24.70 22.07 1.40
C SER B 142 23.66 22.38 2.45
N LYS B 143 23.54 23.63 2.88
CA LYS B 143 22.65 23.97 4.00
C LYS B 143 21.88 25.27 3.80
N ILE B 144 21.64 25.67 2.55
CA ILE B 144 20.71 26.74 2.22
C ILE B 144 19.49 26.12 1.58
N ILE B 145 18.31 26.44 2.10
CA ILE B 145 17.09 25.73 1.75
C ILE B 145 16.45 26.30 0.49
N GLY B 146 16.31 27.62 0.41
CA GLY B 146 15.54 28.22 -0.67
C GLY B 146 16.25 28.07 -2.00
N GLN B 147 15.51 27.59 -3.01
CA GLN B 147 16.04 27.49 -4.36
C GLN B 147 15.10 27.93 -5.47
N PHE B 148 13.80 28.11 -5.19
CA PHE B 148 12.83 28.45 -6.23
C PHE B 148 12.51 29.93 -6.29
N GLY B 149 12.35 30.58 -5.14
CA GLY B 149 11.96 31.98 -5.11
C GLY B 149 10.48 32.24 -5.04
N VAL B 150 9.68 31.24 -4.64
CA VAL B 150 8.24 31.42 -4.53
C VAL B 150 7.79 30.98 -3.14
N GLY B 151 8.76 30.69 -2.26
CA GLY B 151 8.43 30.19 -0.94
C GLY B 151 7.72 31.22 -0.08
N PHE B 152 8.13 32.48 -0.18
CA PHE B 152 7.52 33.52 0.65
C PHE B 152 6.04 33.69 0.32
N TYR B 153 5.69 33.65 -0.96
CA TYR B 153 4.33 33.90 -1.40
C TYR B 153 3.35 32.84 -0.95
N SER B 154 3.81 31.76 -0.30
CA SER B 154 2.91 30.84 0.35
C SER B 154 2.23 31.48 1.55
N ALA B 155 2.78 32.59 2.07
CA ALA B 155 2.13 33.30 3.17
C ALA B 155 0.78 33.87 2.76
N PHE B 156 0.61 34.18 1.48
CA PHE B 156 -0.67 34.66 0.99
C PHE B 156 -1.74 33.58 0.96
N MET B 157 -1.38 32.32 1.18
CA MET B 157 -2.38 31.27 1.30
C MET B 157 -3.32 31.51 2.48
N VAL B 158 -2.80 32.10 3.56
CA VAL B 158 -3.59 32.31 4.76
C VAL B 158 -3.70 33.78 5.14
N ALA B 159 -2.95 34.68 4.50
CA ALA B 159 -2.89 36.08 4.91
C ALA B 159 -3.49 36.97 3.85
N ASP B 160 -4.39 37.86 4.26
CA ASP B 160 -4.88 38.92 3.41
C ASP B 160 -4.08 40.21 3.54
N ARG B 161 -3.17 40.28 4.51
CA ARG B 161 -2.36 41.47 4.75
C ARG B 161 -1.01 41.00 5.29
N VAL B 162 -0.03 40.86 4.40
CA VAL B 162 1.32 40.47 4.79
C VAL B 162 2.12 41.73 5.11
N GLU B 163 2.72 41.74 6.30
CA GLU B 163 3.42 42.91 6.82
C GLU B 163 4.83 42.48 7.22
N VAL B 164 5.84 42.95 6.50
CA VAL B 164 7.21 42.51 6.67
C VAL B 164 8.08 43.70 7.04
N TYR B 165 8.87 43.55 8.10
CA TYR B 165 9.89 44.51 8.49
C TYR B 165 11.25 43.89 8.32
N SER B 166 12.18 44.61 7.69
CA SER B 166 13.52 44.09 7.47
C SER B 166 14.52 45.22 7.45
N ARG B 167 15.74 44.92 7.90
CA ARG B 167 16.86 45.84 7.79
C ARG B 167 18.15 45.03 7.76
N SER B 168 19.05 45.39 6.85
CA SER B 168 20.28 44.63 6.68
C SER B 168 21.17 44.75 7.91
N ALA B 169 21.94 43.70 8.15
CA ALA B 169 22.91 43.69 9.24
C ALA B 169 24.19 44.46 8.90
N ALA B 170 24.18 45.22 7.81
CA ALA B 170 25.34 46.00 7.43
C ALA B 170 25.59 47.10 8.47
N PRO B 171 26.84 47.55 8.61
CA PRO B 171 27.14 48.57 9.62
C PRO B 171 26.59 49.94 9.25
N GLY B 172 25.30 50.16 9.52
CA GLY B 172 24.68 51.44 9.25
C GLY B 172 23.46 51.38 8.35
N SER B 173 22.80 50.22 8.32
CA SER B 173 21.57 50.09 7.56
C SER B 173 20.39 50.64 8.36
N LEU B 174 19.25 50.76 7.69
CA LEU B 174 18.05 51.33 8.27
C LEU B 174 16.86 50.43 8.00
N GLY B 175 15.87 50.49 8.88
CA GLY B 175 14.70 49.66 8.74
C GLY B 175 13.82 50.07 7.58
N TYR B 176 12.90 49.18 7.21
CA TYR B 176 12.04 49.42 6.07
C TYR B 176 10.66 48.81 6.35
N GLN B 177 9.80 48.84 5.34
CA GLN B 177 8.42 48.41 5.46
C GLN B 177 8.07 47.57 4.25
N TRP B 178 7.06 46.70 4.41
CA TRP B 178 6.60 45.87 3.30
C TRP B 178 5.17 45.43 3.59
N LEU B 179 4.23 45.92 2.79
CA LEU B 179 2.83 45.53 2.89
C LEU B 179 2.36 45.00 1.54
N SER B 180 1.52 43.97 1.58
CA SER B 180 0.94 43.42 0.37
C SER B 180 -0.32 42.65 0.72
N ASP B 181 -1.33 42.77 -0.15
CA ASP B 181 -2.58 42.04 0.00
C ASP B 181 -2.68 40.86 -0.96
N GLY B 182 -1.60 40.55 -1.68
CA GLY B 182 -1.64 39.49 -2.67
C GLY B 182 -2.35 39.87 -3.96
N SER B 183 -2.62 41.15 -4.18
CA SER B 183 -3.34 41.61 -5.35
C SER B 183 -2.43 42.02 -6.50
N GLY B 184 -1.14 41.69 -6.43
CA GLY B 184 -0.19 42.04 -7.45
C GLY B 184 0.53 43.36 -7.24
N VAL B 185 0.16 44.11 -6.21
CA VAL B 185 0.83 45.36 -5.88
C VAL B 185 1.17 45.33 -4.39
N PHE B 186 2.39 45.78 -4.05
CA PHE B 186 2.85 45.79 -2.67
C PHE B 186 3.41 47.15 -2.32
N GLU B 187 3.27 47.52 -1.05
CA GLU B 187 3.67 48.82 -0.55
C GLU B 187 4.96 48.68 0.25
N ILE B 188 5.97 49.48 -0.11
CA ILE B 188 7.25 49.49 0.57
C ILE B 188 7.49 50.89 1.11
N ALA B 189 7.99 50.98 2.34
CA ALA B 189 8.25 52.25 2.98
C ALA B 189 9.44 52.11 3.90
N GLU B 190 9.70 53.13 4.71
CA GLU B 190 10.79 53.13 5.67
C GLU B 190 10.21 53.15 7.08
N ALA B 191 10.70 52.26 7.94
CA ALA B 191 10.23 52.14 9.30
C ALA B 191 11.37 52.36 10.27
N SER B 192 11.11 53.08 11.34
CA SER B 192 12.08 53.38 12.37
C SER B 192 11.86 52.47 13.57
N GLY B 193 12.94 52.18 14.29
CA GLY B 193 12.88 51.27 15.41
C GLY B 193 13.00 49.81 15.04
N VAL B 194 13.24 49.49 13.77
CA VAL B 194 13.38 48.10 13.34
C VAL B 194 14.68 47.55 13.92
N ARG B 195 14.60 46.35 14.48
CA ARG B 195 15.80 45.67 14.94
C ARG B 195 16.39 44.82 13.81
N THR B 196 17.65 44.44 13.98
CA THR B 196 18.35 43.68 12.95
C THR B 196 17.65 42.36 12.69
N GLY B 197 17.49 42.03 11.42
CA GLY B 197 16.80 40.81 11.03
C GLY B 197 15.39 41.09 10.53
N THR B 198 14.89 40.15 9.72
CA THR B 198 13.58 40.32 9.11
C THR B 198 12.48 39.92 10.10
N LYS B 199 11.46 40.77 10.21
CA LYS B 199 10.29 40.51 11.03
C LYS B 199 9.06 40.49 10.13
N ILE B 200 8.28 39.41 10.21
CA ILE B 200 7.14 39.21 9.33
C ILE B 200 5.88 39.14 10.18
N ILE B 201 4.93 40.03 9.88
CA ILE B 201 3.62 40.03 10.51
C ILE B 201 2.62 39.54 9.49
N ILE B 202 1.86 38.50 9.84
CA ILE B 202 0.88 37.90 8.94
C ILE B 202 -0.49 38.08 9.57
N HIS B 203 -1.40 38.71 8.83
CA HIS B 203 -2.78 38.90 9.28
C HIS B 203 -3.62 37.80 8.65
N LEU B 204 -4.07 36.87 9.49
CA LEU B 204 -4.71 35.66 9.00
C LEU B 204 -6.07 35.97 8.36
N LYS B 205 -6.45 35.13 7.40
CA LYS B 205 -7.74 35.25 6.77
C LYS B 205 -8.85 34.83 7.73
N SER B 206 -10.09 35.15 7.35
CA SER B 206 -11.23 34.76 8.17
C SER B 206 -11.36 33.25 8.25
N ASP B 207 -11.15 32.56 7.13
CA ASP B 207 -11.28 31.10 7.08
C ASP B 207 -9.99 30.37 7.40
N CYS B 208 -8.90 31.09 7.69
CA CYS B 208 -7.62 30.49 8.01
C CYS B 208 -7.15 30.90 9.41
N LYS B 209 -8.09 31.21 10.30
CA LYS B 209 -7.75 31.68 11.64
C LYS B 209 -7.19 30.59 12.54
N GLU B 210 -7.25 29.32 12.11
CA GLU B 210 -6.78 28.24 12.97
C GLU B 210 -5.28 28.30 13.24
N PHE B 211 -4.53 29.09 12.47
CA PHE B 211 -3.11 29.25 12.69
C PHE B 211 -2.79 30.32 13.73
N SER B 212 -3.81 30.97 14.30
CA SER B 212 -3.62 31.91 15.39
C SER B 212 -3.69 31.23 16.75
N SER B 213 -3.50 29.91 16.80
CA SER B 213 -3.52 29.16 18.03
C SER B 213 -2.16 28.50 18.27
N GLU B 214 -1.80 28.38 19.55
CA GLU B 214 -0.53 27.76 19.91
C GLU B 214 -0.47 26.32 19.45
N ALA B 215 -1.56 25.57 19.62
CA ALA B 215 -1.55 24.14 19.36
C ALA B 215 -1.30 23.84 17.88
N ARG B 216 -2.00 24.54 16.99
CA ARG B 216 -1.83 24.28 15.57
C ARG B 216 -0.43 24.62 15.09
N VAL B 217 0.11 25.77 15.51
CA VAL B 217 1.45 26.17 15.11
C VAL B 217 2.47 25.18 15.65
N ARG B 218 2.33 24.76 16.91
CA ARG B 218 3.24 23.78 17.47
C ARG B 218 3.18 22.47 16.69
N ASP B 219 1.96 22.02 16.35
CA ASP B 219 1.82 20.77 15.61
C ASP B 219 2.50 20.84 14.25
N VAL B 220 2.27 21.93 13.51
CA VAL B 220 2.83 22.02 12.17
C VAL B 220 4.35 22.21 12.21
N VAL B 221 4.85 23.00 13.18
CA VAL B 221 6.30 23.15 13.30
C VAL B 221 6.96 21.83 13.66
N THR B 222 6.34 21.07 14.56
CA THR B 222 6.82 19.71 14.83
C THR B 222 6.75 18.84 13.58
N LYS B 223 5.74 19.07 12.75
CA LYS B 223 5.56 18.28 11.54
C LYS B 223 6.64 18.57 10.51
N TYR B 224 7.15 19.80 10.48
CA TYR B 224 8.08 20.19 9.42
C TYR B 224 9.46 20.65 9.90
N SER B 225 9.54 21.45 10.96
CA SER B 225 10.77 22.19 11.26
C SER B 225 11.24 21.95 12.69
N ASN B 226 11.34 20.69 13.10
CA ASN B 226 12.01 20.39 14.37
C ASN B 226 13.52 20.54 14.26
N PHE B 227 14.10 20.15 13.13
CA PHE B 227 15.56 20.05 13.00
C PHE B 227 16.15 21.26 12.28
N VAL B 228 15.59 22.45 12.50
CA VAL B 228 16.21 23.65 11.96
C VAL B 228 17.54 23.89 12.66
N SER B 229 18.47 24.51 11.93
CA SER B 229 19.84 24.67 12.43
C SER B 229 19.97 25.68 13.56
N PHE B 230 18.89 26.34 13.94
CA PHE B 230 18.94 27.41 14.94
C PHE B 230 17.82 27.22 15.94
N PRO B 231 17.96 27.79 17.14
CA PRO B 231 16.86 27.74 18.11
C PRO B 231 15.60 28.38 17.55
N LEU B 232 14.48 27.69 17.72
CA LEU B 232 13.19 28.15 17.24
C LEU B 232 12.27 28.32 18.44
N TYR B 233 11.82 29.56 18.67
CA TYR B 233 11.02 29.89 19.83
C TYR B 233 9.58 30.12 19.39
N LEU B 234 8.65 29.37 19.97
CA LEU B 234 7.22 29.55 19.74
C LEU B 234 6.63 30.14 21.01
N ASN B 235 6.42 31.46 21.00
CA ASN B 235 5.95 32.20 22.17
C ASN B 235 6.89 31.98 23.36
N GLY B 236 8.19 31.93 23.09
CA GLY B 236 9.19 31.71 24.11
C GLY B 236 9.47 30.26 24.44
N ARG B 237 8.84 29.32 23.75
CA ARG B 237 9.03 27.88 23.99
C ARG B 237 9.97 27.33 22.93
N ARG B 238 11.23 27.11 23.29
CA ARG B 238 12.19 26.48 22.39
C ARG B 238 11.76 25.04 22.13
N MET B 239 11.48 24.71 20.88
CA MET B 239 10.82 23.45 20.56
C MET B 239 11.58 22.67 19.49
N ASN B 240 12.91 22.73 19.51
CA ASN B 240 13.70 21.87 18.64
C ASN B 240 13.98 20.53 19.30
N THR B 241 14.70 20.54 20.42
CA THR B 241 14.93 19.41 21.31
C THR B 241 15.52 18.19 20.62
N LEU B 242 15.98 18.32 19.38
CA LEU B 242 16.54 17.20 18.63
C LEU B 242 17.49 17.75 17.59
N GLN B 243 18.79 17.56 17.81
CA GLN B 243 19.81 18.17 16.95
C GLN B 243 20.26 17.26 15.82
N ALA B 244 19.30 16.68 15.10
CA ALA B 244 19.53 16.01 13.81
C ALA B 244 20.75 15.09 13.84
N ILE B 245 20.65 14.03 14.64
CA ILE B 245 21.77 13.14 14.88
C ILE B 245 22.29 12.48 13.61
N TRP B 246 21.59 12.63 12.49
CA TRP B 246 22.02 12.03 11.23
C TRP B 246 23.01 12.90 10.47
N MET B 247 23.48 14.00 11.07
CA MET B 247 24.42 14.91 10.42
C MET B 247 25.87 14.61 10.78
N MET B 248 26.18 14.49 12.06
CA MET B 248 27.55 14.31 12.50
C MET B 248 28.01 12.88 12.21
N ASP B 249 29.22 12.55 12.66
CA ASP B 249 29.79 11.24 12.40
C ASP B 249 28.97 10.16 13.12
N PRO B 250 28.82 8.98 12.52
CA PRO B 250 28.05 7.91 13.19
C PRO B 250 28.60 7.53 14.55
N LYS B 251 29.93 7.56 14.73
CA LYS B 251 30.51 7.16 16.01
C LYS B 251 30.27 8.20 17.08
N ASP B 252 30.09 9.47 16.70
CA ASP B 252 29.90 10.52 17.69
C ASP B 252 28.60 10.36 18.45
N VAL B 253 27.51 10.02 17.75
CA VAL B 253 26.22 9.87 18.41
C VAL B 253 26.18 8.57 19.19
N GLY B 254 25.70 8.65 20.44
CA GLY B 254 25.69 7.49 21.31
C GLY B 254 24.45 6.63 21.15
N GLU B 255 24.50 5.47 21.83
CA GLU B 255 23.38 4.54 21.77
C GLU B 255 22.13 5.15 22.40
N TRP B 256 22.30 5.81 23.56
CA TRP B 256 21.16 6.43 24.23
C TRP B 256 20.54 7.54 23.37
N GLN B 257 21.38 8.28 22.63
CA GLN B 257 20.85 9.31 21.74
C GLN B 257 20.10 8.70 20.56
N HIS B 258 20.50 7.50 20.13
CA HIS B 258 19.76 6.83 19.07
C HIS B 258 18.34 6.51 19.49
N GLU B 259 18.15 6.08 20.75
CA GLU B 259 16.82 5.75 21.24
C GLU B 259 15.91 6.97 21.21
N GLU B 260 16.39 8.10 21.75
CA GLU B 260 15.55 9.29 21.84
C GLU B 260 15.08 9.75 20.48
N PHE B 261 15.97 9.72 19.48
CA PHE B 261 15.56 10.05 18.11
C PHE B 261 14.64 8.97 17.54
N TYR B 262 14.85 7.71 17.91
CA TYR B 262 14.00 6.64 17.40
C TYR B 262 12.57 6.79 17.90
N ARG B 263 12.40 7.18 19.16
CA ARG B 263 11.05 7.39 19.69
C ARG B 263 10.31 8.46 18.91
N TYR B 264 11.04 9.42 18.34
CA TYR B 264 10.38 10.51 17.60
C TYR B 264 9.92 10.06 16.22
N VAL B 265 10.84 9.50 15.42
CA VAL B 265 10.51 9.16 14.04
C VAL B 265 9.54 8.00 13.98
N ALA B 266 9.74 6.98 14.82
CA ALA B 266 8.87 5.81 14.81
C ALA B 266 7.56 6.03 15.57
N GLN B 267 7.47 7.09 16.37
CA GLN B 267 6.29 7.37 17.18
C GLN B 267 5.94 6.17 18.07
N ALA B 268 6.97 5.52 18.59
CA ALA B 268 6.82 4.36 19.46
C ALA B 268 7.73 4.51 20.66
N HIS B 269 7.35 3.86 21.76
CA HIS B 269 8.06 3.97 23.02
C HIS B 269 9.08 2.85 23.23
N ASP B 270 9.25 1.95 22.28
CA ASP B 270 10.16 0.83 22.43
C ASP B 270 11.58 1.26 22.07
N LYS B 271 12.48 0.29 21.94
CA LYS B 271 13.87 0.51 21.60
C LYS B 271 14.18 -0.04 20.21
N PRO B 272 15.15 0.55 19.50
CA PRO B 272 15.53 -0.01 18.19
C PRO B 272 16.55 -1.12 18.33
N ARG B 273 16.23 -2.30 17.80
CA ARG B 273 17.15 -3.43 17.89
C ARG B 273 18.33 -3.29 16.93
N TYR B 274 18.20 -2.48 15.88
CA TYR B 274 19.27 -2.27 14.92
C TYR B 274 19.38 -0.78 14.62
N THR B 275 20.58 -0.36 14.21
CA THR B 275 20.83 1.05 13.90
C THR B 275 21.85 1.10 12.77
N LEU B 276 21.44 1.61 11.62
CA LEU B 276 22.31 1.75 10.45
C LEU B 276 22.45 3.23 10.14
N HIS B 277 23.60 3.80 10.51
CA HIS B 277 23.91 5.19 10.21
C HIS B 277 24.69 5.22 8.90
N TYR B 278 23.99 5.52 7.81
CA TYR B 278 24.56 5.50 6.47
C TYR B 278 24.88 6.92 6.03
N LYS B 279 26.10 7.13 5.55
CA LYS B 279 26.55 8.44 5.08
C LYS B 279 27.47 8.23 3.89
N THR B 280 26.92 8.38 2.69
CA THR B 280 27.67 8.20 1.45
C THR B 280 27.54 9.45 0.59
N ASP B 281 28.53 9.65 -0.29
CA ASP B 281 28.55 10.78 -1.19
C ASP B 281 28.83 10.42 -2.64
N ALA B 282 29.32 9.21 -2.93
CA ALA B 282 29.68 8.88 -4.31
C ALA B 282 28.46 8.76 -5.21
N PRO B 283 27.50 7.84 -4.96
CA PRO B 283 26.35 7.76 -5.87
C PRO B 283 25.37 8.91 -5.65
N LEU B 284 25.08 9.20 -4.39
CA LEU B 284 24.23 10.32 -4.00
C LEU B 284 24.73 10.86 -2.68
N ASN B 285 24.40 12.12 -2.41
CA ASN B 285 24.72 12.73 -1.11
C ASN B 285 23.63 12.31 -0.14
N ILE B 286 23.90 11.27 0.65
CA ILE B 286 22.93 10.68 1.55
C ILE B 286 23.47 10.72 2.96
N ARG B 287 22.65 11.21 3.90
CA ARG B 287 22.93 11.13 5.33
C ARG B 287 21.70 10.50 5.97
N SER B 288 21.64 9.17 5.95
CA SER B 288 20.45 8.45 6.36
C SER B 288 20.75 7.58 7.58
N ILE B 289 19.74 7.43 8.43
CA ILE B 289 19.82 6.59 9.61
C ILE B 289 18.56 5.72 9.66
N PHE B 290 18.74 4.42 9.90
CA PHE B 290 17.64 3.46 9.86
C PHE B 290 17.60 2.69 11.17
N TYR B 291 16.38 2.46 11.66
CA TYR B 291 16.16 1.74 12.91
C TYR B 291 15.22 0.57 12.65
N VAL B 292 15.47 -0.54 13.33
CA VAL B 292 14.60 -1.71 13.31
C VAL B 292 13.97 -1.84 14.68
N PRO B 293 12.64 -1.74 14.80
CA PRO B 293 12.00 -1.87 16.11
C PRO B 293 12.23 -3.24 16.71
N ASP B 294 12.39 -3.28 18.04
CA ASP B 294 12.56 -4.54 18.74
C ASP B 294 11.22 -5.21 19.05
N MET B 295 10.12 -4.50 18.93
CA MET B 295 8.80 -5.07 19.19
C MET B 295 8.35 -5.92 18.01
N LYS B 296 7.55 -6.93 18.29
CA LYS B 296 7.04 -7.80 17.24
C LYS B 296 6.13 -7.01 16.32
N PRO B 297 6.37 -7.01 15.01
CA PRO B 297 5.52 -6.24 14.10
C PRO B 297 4.08 -6.71 14.18
N SER B 298 3.15 -5.75 14.26
CA SER B 298 1.75 -6.10 14.42
C SER B 298 1.22 -6.75 13.15
N MET B 299 0.61 -7.92 13.30
CA MET B 299 0.07 -8.65 12.15
C MET B 299 -1.09 -7.89 11.49
N PHE B 300 -1.75 -7.01 12.24
CA PHE B 300 -2.71 -6.11 11.59
C PHE B 300 -1.98 -4.99 10.84
N ASP B 301 -0.89 -4.47 11.41
CA ASP B 301 -0.17 -3.39 10.77
C ASP B 301 0.47 -3.85 9.45
N VAL B 302 0.91 -5.11 9.38
CA VAL B 302 1.47 -5.63 8.15
C VAL B 302 0.42 -5.68 7.06
N SER B 303 -0.80 -6.11 7.40
CA SER B 303 -1.85 -6.24 6.40
C SER B 303 -2.25 -4.90 5.82
N ARG B 304 -2.40 -3.89 6.67
CA ARG B 304 -2.81 -2.56 6.21
C ARG B 304 -1.64 -1.84 5.56
N GLU B 305 -1.97 -0.84 4.75
CA GLU B 305 -0.97 -0.06 4.04
C GLU B 305 -1.09 1.42 4.39
N SER B 309 6.88 4.76 6.70
CA SER B 309 8.25 4.24 6.75
C SER B 309 9.23 5.31 7.19
N VAL B 310 10.19 5.64 6.32
CA VAL B 310 11.17 6.66 6.62
C VAL B 310 10.68 8.01 6.10
N ALA B 311 11.21 9.08 6.70
CA ALA B 311 10.83 10.43 6.35
C ALA B 311 12.03 11.15 5.75
N LEU B 312 11.87 11.67 4.53
CA LEU B 312 12.95 12.38 3.88
C LEU B 312 13.17 13.75 4.51
N TYR B 313 14.44 14.15 4.56
CA TYR B 313 14.83 15.51 4.94
C TYR B 313 15.78 16.03 3.88
N SER B 314 15.58 17.28 3.48
CA SER B 314 16.44 17.93 2.49
C SER B 314 16.79 19.32 3.04
N ARG B 315 18.06 19.53 3.36
CA ARG B 315 18.51 20.73 4.08
C ARG B 315 17.76 20.88 5.40
N LYS B 316 17.48 19.74 6.04
CA LYS B 316 16.90 19.68 7.38
C LYS B 316 15.46 20.19 7.43
N VAL B 317 14.70 19.99 6.35
CA VAL B 317 13.26 20.24 6.36
C VAL B 317 12.56 19.00 5.81
N LEU B 318 11.40 18.68 6.36
CA LEU B 318 10.69 17.45 6.02
C LEU B 318 9.90 17.65 4.72
N ILE B 319 10.04 16.69 3.81
CA ILE B 319 9.40 16.80 2.49
C ILE B 319 7.98 16.23 2.48
N GLN B 320 7.69 15.27 3.35
CA GLN B 320 6.36 14.65 3.45
C GLN B 320 5.98 13.93 2.15
N THR B 321 6.78 12.91 1.82
CA THR B 321 6.51 12.03 0.70
C THR B 321 6.61 10.58 1.15
N LYS B 322 5.93 10.25 2.25
CA LYS B 322 5.93 8.89 2.75
C LYS B 322 5.35 7.92 1.73
N ALA B 323 4.47 8.40 0.85
CA ALA B 323 3.91 7.57 -0.20
C ALA B 323 4.94 7.37 -1.31
N THR B 324 4.51 6.69 -2.38
CA THR B 324 5.35 6.42 -3.56
C THR B 324 6.60 5.64 -3.19
N ASP B 325 6.52 4.86 -2.10
CA ASP B 325 7.48 3.82 -1.69
C ASP B 325 8.93 4.14 -2.04
N ILE B 326 9.44 5.26 -1.51
CA ILE B 326 10.83 5.65 -1.75
C ILE B 326 11.79 4.55 -1.32
N LEU B 327 11.40 3.75 -0.35
CA LEU B 327 12.09 2.56 0.11
C LEU B 327 11.34 1.33 -0.39
N PRO B 328 12.02 0.21 -0.62
CA PRO B 328 11.32 -0.98 -1.11
C PRO B 328 10.21 -1.40 -0.15
N LYS B 329 9.10 -1.88 -0.74
CA LYS B 329 7.91 -2.18 0.05
C LYS B 329 8.20 -3.20 1.14
N TRP B 330 9.10 -4.14 0.89
CA TRP B 330 9.47 -5.12 1.91
C TRP B 330 10.33 -4.52 3.00
N LEU B 331 10.87 -3.32 2.80
CA LEU B 331 11.68 -2.64 3.80
C LEU B 331 10.87 -1.64 4.63
N ARG B 332 9.54 -1.71 4.56
CA ARG B 332 8.69 -0.77 5.29
C ARG B 332 8.75 -0.98 6.80
N PHE B 333 9.35 -2.07 7.27
CA PHE B 333 9.38 -2.36 8.69
C PHE B 333 10.43 -1.55 9.45
N ILE B 334 11.33 -0.85 8.75
CA ILE B 334 12.36 -0.05 9.40
C ILE B 334 11.90 1.40 9.46
N ARG B 335 12.26 2.08 10.53
CA ARG B 335 11.92 3.48 10.73
C ARG B 335 13.20 4.31 10.79
N GLY B 336 13.12 5.54 10.32
CA GLY B 336 14.26 6.42 10.33
C GLY B 336 14.04 7.60 9.41
N VAL B 337 15.14 8.27 9.06
CA VAL B 337 15.11 9.40 8.15
C VAL B 337 16.19 9.22 7.10
N VAL B 338 15.89 9.66 5.88
CA VAL B 338 16.86 9.67 4.79
C VAL B 338 17.07 11.12 4.39
N ASP B 339 18.24 11.66 4.73
CA ASP B 339 18.58 13.03 4.40
C ASP B 339 19.42 13.05 3.15
N SER B 340 19.00 13.85 2.17
CA SER B 340 19.69 13.93 0.89
C SER B 340 19.50 15.33 0.34
N GLU B 341 20.60 16.00 0.03
CA GLU B 341 20.60 17.37 -0.43
C GLU B 341 20.57 17.49 -1.95
N ASP B 342 20.54 16.37 -2.66
CA ASP B 342 20.58 16.38 -4.12
C ASP B 342 19.29 15.91 -4.78
N ILE B 343 18.31 15.44 -4.02
CA ILE B 343 17.06 14.99 -4.63
C ILE B 343 16.34 16.18 -5.25
N PRO B 344 15.75 16.03 -6.42
CA PRO B 344 15.04 17.16 -7.06
C PRO B 344 13.65 17.33 -6.48
N LEU B 345 13.43 18.45 -5.80
CA LEU B 345 12.13 18.81 -5.27
C LEU B 345 11.36 19.63 -6.31
N ASN B 346 10.05 19.42 -6.34
CA ASN B 346 9.20 20.19 -7.24
C ASN B 346 8.85 21.51 -6.56
N LEU B 347 7.99 22.30 -7.21
CA LEU B 347 7.67 23.64 -6.70
C LEU B 347 6.98 23.56 -5.35
N SER B 348 6.04 22.63 -5.18
CA SER B 348 5.30 22.49 -3.91
C SER B 348 6.20 21.87 -2.83
N ARG B 349 7.50 21.77 -3.11
CA ARG B 349 8.50 21.23 -2.13
C ARG B 349 8.22 19.76 -1.79
N GLU B 350 7.63 19.01 -2.73
CA GLU B 350 7.45 17.55 -2.49
C GLU B 350 8.43 16.84 -3.44
N LEU B 351 8.38 15.51 -3.48
CA LEU B 351 9.30 14.77 -4.34
C LEU B 351 8.89 14.87 -5.80
N LEU B 352 9.87 14.71 -6.68
CA LEU B 352 9.61 14.49 -8.10
C LEU B 352 9.32 13.00 -8.25
N GLN B 353 8.05 12.64 -8.13
CA GLN B 353 7.66 11.24 -8.08
C GLN B 353 8.03 10.52 -9.37
N GLU B 354 8.51 9.28 -9.22
CA GLU B 354 8.91 8.44 -10.36
C GLU B 354 9.99 9.09 -11.20
N SER B 355 10.92 9.78 -10.55
CA SER B 355 12.06 10.36 -11.25
C SER B 355 13.17 9.33 -11.38
N ALA B 356 14.15 9.66 -12.23
CA ALA B 356 15.28 8.75 -12.43
C ALA B 356 16.19 8.70 -11.21
N LEU B 357 16.42 9.85 -10.57
CA LEU B 357 17.35 9.90 -9.45
C LEU B 357 16.77 9.23 -8.21
N ILE B 358 15.47 9.42 -7.96
CA ILE B 358 14.87 8.82 -6.77
C ILE B 358 14.85 7.30 -6.88
N ARG B 359 14.67 6.77 -8.09
CA ARG B 359 14.73 5.32 -8.27
C ARG B 359 16.10 4.78 -7.92
N LYS B 360 17.16 5.49 -8.30
CA LYS B 360 18.51 5.08 -7.93
C LYS B 360 18.71 5.13 -6.42
N LEU B 361 18.07 6.09 -5.75
CA LEU B 361 18.15 6.15 -4.29
C LEU B 361 17.54 4.90 -3.66
N ARG B 362 16.43 4.42 -4.20
CA ARG B 362 15.81 3.20 -3.70
C ARG B 362 16.74 2.00 -3.87
N ASP B 363 17.39 1.91 -5.03
CA ASP B 363 18.30 0.78 -5.29
C ASP B 363 19.53 0.85 -4.38
N VAL B 364 20.12 2.04 -4.22
CA VAL B 364 21.30 2.17 -3.38
C VAL B 364 20.95 1.85 -1.93
N LEU B 365 19.82 2.37 -1.44
CA LEU B 365 19.42 2.10 -0.06
C LEU B 365 19.11 0.62 0.15
N GLN B 366 18.47 -0.01 -0.84
CA GLN B 366 18.16 -1.43 -0.71
C GLN B 366 19.42 -2.28 -0.59
N GLN B 367 20.43 -1.99 -1.40
CA GLN B 367 21.68 -2.74 -1.32
C GLN B 367 22.36 -2.56 0.02
N ARG B 368 22.37 -1.33 0.55
CA ARG B 368 23.02 -1.08 1.82
C ARG B 368 22.28 -1.77 2.96
N LEU B 369 20.95 -1.70 2.98
CA LEU B 369 20.18 -2.36 4.03
C LEU B 369 20.34 -3.87 3.95
N ILE B 370 20.34 -4.43 2.74
CA ILE B 370 20.57 -5.87 2.59
C ILE B 370 21.97 -6.23 3.07
N LYS B 371 22.97 -5.42 2.69
CA LYS B 371 24.33 -5.67 3.16
C LYS B 371 24.44 -5.49 4.66
N PHE B 372 23.70 -4.52 5.21
CA PHE B 372 23.74 -4.30 6.66
C PHE B 372 23.23 -5.51 7.42
N PHE B 373 22.11 -6.09 6.98
CA PHE B 373 21.57 -7.26 7.66
C PHE B 373 22.49 -8.46 7.52
N ILE B 374 23.16 -8.60 6.37
CA ILE B 374 24.11 -9.69 6.20
C ILE B 374 25.25 -9.57 7.20
N ASP B 375 25.78 -8.36 7.38
CA ASP B 375 26.82 -8.15 8.38
C ASP B 375 26.30 -8.36 9.79
N GLN B 376 25.04 -7.99 10.04
CA GLN B 376 24.46 -8.22 11.35
C GLN B 376 24.34 -9.70 11.66
N SER B 377 23.98 -10.50 10.65
CA SER B 377 23.89 -11.95 10.85
C SER B 377 25.25 -12.54 11.18
N LYS B 378 26.30 -12.09 10.48
CA LYS B 378 27.64 -12.57 10.75
C LYS B 378 28.21 -12.03 12.05
N LYS B 379 27.67 -10.93 12.56
CA LYS B 379 28.15 -10.38 13.82
C LYS B 379 27.52 -11.12 15.01
N ASP B 380 26.19 -11.12 15.09
CA ASP B 380 25.46 -11.78 16.17
C ASP B 380 24.39 -12.68 15.53
N ALA B 381 24.73 -13.95 15.34
CA ALA B 381 23.78 -14.89 14.75
C ALA B 381 22.59 -15.11 15.68
N GLU B 382 22.82 -15.15 16.99
CA GLU B 382 21.72 -15.33 17.93
C GLU B 382 20.76 -14.15 17.88
N LYS B 383 21.29 -12.93 17.81
CA LYS B 383 20.43 -11.75 17.70
C LYS B 383 19.69 -11.73 16.37
N TYR B 384 20.39 -12.06 15.27
CA TYR B 384 19.75 -12.06 13.97
C TYR B 384 18.70 -13.16 13.85
N ALA B 385 18.91 -14.28 14.53
CA ALA B 385 17.90 -15.34 14.52
C ALA B 385 16.59 -14.85 15.12
N LYS B 386 16.66 -14.11 16.22
CA LYS B 386 15.45 -13.48 16.77
C LYS B 386 14.90 -12.44 15.81
N PHE B 387 15.77 -11.68 15.14
CA PHE B 387 15.31 -10.67 14.19
C PHE B 387 14.61 -11.33 13.00
N PHE B 388 15.12 -12.45 12.52
CA PHE B 388 14.53 -13.10 11.36
C PHE B 388 13.13 -13.64 11.66
N GLU B 389 12.95 -14.24 12.84
CA GLU B 389 11.64 -14.81 13.15
C GLU B 389 10.59 -13.76 13.43
N ASP B 390 10.97 -12.49 13.54
CA ASP B 390 10.03 -11.39 13.72
C ASP B 390 9.69 -10.69 12.41
N TYR B 391 10.70 -10.30 11.64
CA TYR B 391 10.52 -9.54 10.41
C TYR B 391 10.79 -10.36 9.16
N GLY B 392 10.84 -11.69 9.28
CA GLY B 392 11.12 -12.53 8.13
C GLY B 392 10.01 -12.57 7.10
N LEU B 393 8.77 -12.27 7.52
CA LEU B 393 7.66 -12.22 6.57
C LEU B 393 7.85 -11.10 5.56
N PHE B 394 8.54 -10.03 5.93
CA PHE B 394 8.82 -8.95 4.99
C PHE B 394 9.80 -9.39 3.92
N MET B 395 10.87 -10.09 4.31
CA MET B 395 11.83 -10.58 3.34
C MET B 395 11.19 -11.58 2.38
N ARG B 396 10.35 -12.47 2.90
CA ARG B 396 9.63 -13.40 2.05
C ARG B 396 8.69 -12.66 1.10
N GLU B 397 8.02 -11.62 1.60
CA GLU B 397 7.13 -10.83 0.75
C GLU B 397 7.91 -10.07 -0.31
N GLY B 398 9.14 -9.66 -0.01
CA GLY B 398 9.94 -8.93 -0.99
C GLY B 398 10.36 -9.79 -2.16
N ILE B 399 10.75 -11.04 -1.90
CA ILE B 399 11.23 -11.90 -2.97
C ILE B 399 10.13 -12.19 -3.98
N VAL B 400 8.93 -12.50 -3.49
CA VAL B 400 7.84 -12.85 -4.39
C VAL B 400 7.40 -11.65 -5.23
N THR B 401 7.44 -10.44 -4.67
CA THR B 401 6.98 -9.26 -5.38
C THR B 401 8.07 -8.59 -6.19
N ALA B 402 9.32 -9.03 -6.09
CA ALA B 402 10.40 -8.44 -6.87
C ALA B 402 10.22 -8.77 -8.35
N THR B 403 10.58 -7.81 -9.21
CA THR B 403 10.45 -7.98 -10.64
C THR B 403 11.76 -8.25 -11.36
N GLU B 404 12.90 -7.95 -10.74
CA GLU B 404 14.21 -8.31 -11.29
C GLU B 404 14.83 -9.42 -10.46
N GLN B 405 15.52 -10.34 -11.14
CA GLN B 405 16.02 -11.53 -10.48
C GLN B 405 17.17 -11.22 -9.52
N GLU B 406 17.99 -10.21 -9.85
CA GLU B 406 19.21 -9.97 -9.08
C GLU B 406 18.90 -9.62 -7.62
N VAL B 407 17.88 -8.80 -7.39
CA VAL B 407 17.56 -8.41 -6.01
C VAL B 407 16.99 -9.60 -5.24
N LYS B 408 16.38 -10.56 -5.94
CA LYS B 408 15.82 -11.72 -5.26
C LYS B 408 16.89 -12.52 -4.53
N GLU B 409 18.04 -12.72 -5.18
CA GLU B 409 19.15 -13.38 -4.50
C GLU B 409 19.71 -12.53 -3.36
N ASP B 410 19.69 -11.20 -3.52
CA ASP B 410 20.17 -10.33 -2.45
C ASP B 410 19.33 -10.49 -1.19
N ILE B 411 18.01 -10.52 -1.34
CA ILE B 411 17.15 -10.77 -0.20
C ILE B 411 17.25 -12.22 0.25
N ALA B 412 17.52 -13.14 -0.69
CA ALA B 412 17.62 -14.55 -0.34
C ALA B 412 18.75 -14.83 0.65
N LYS B 413 19.81 -14.01 0.62
CA LYS B 413 20.88 -14.18 1.58
C LYS B 413 20.43 -13.88 3.00
N LEU B 414 19.33 -13.15 3.17
CA LEU B 414 18.81 -12.86 4.51
C LEU B 414 17.98 -14.00 5.07
N LEU B 415 17.56 -14.95 4.23
CA LEU B 415 16.74 -16.05 4.72
C LEU B 415 17.55 -17.02 5.55
N ARG B 416 16.93 -17.54 6.61
CA ARG B 416 17.57 -18.52 7.48
C ARG B 416 16.67 -19.74 7.60
N TYR B 417 17.21 -20.90 7.26
CA TYR B 417 16.49 -22.16 7.37
C TYR B 417 17.37 -23.17 8.10
N GLU B 418 16.74 -24.15 8.74
CA GLU B 418 17.48 -25.24 9.37
C GLU B 418 17.40 -26.47 8.48
N SER B 419 18.51 -27.18 8.38
CA SER B 419 18.65 -28.28 7.44
C SER B 419 18.78 -29.60 8.17
N SER B 420 18.74 -30.69 7.38
CA SER B 420 18.83 -32.03 7.94
C SER B 420 20.20 -32.28 8.57
N ALA B 421 21.27 -31.77 7.92
CA ALA B 421 22.62 -32.03 8.40
C ALA B 421 22.86 -31.45 9.78
N LEU B 422 22.39 -30.22 10.01
CA LEU B 422 22.65 -29.56 11.27
C LEU B 422 21.65 -30.00 12.34
N PRO B 423 22.03 -29.91 13.62
CA PRO B 423 21.12 -30.29 14.70
C PRO B 423 19.93 -29.34 14.78
N SER B 424 18.94 -29.76 15.56
CA SER B 424 17.71 -28.98 15.70
C SER B 424 18.00 -27.65 16.37
N GLY B 425 17.31 -26.60 15.90
CA GLY B 425 17.45 -25.28 16.48
C GLY B 425 18.59 -24.45 15.93
N GLN B 426 19.33 -24.96 14.95
CA GLN B 426 20.43 -24.21 14.34
C GLN B 426 20.06 -23.90 12.90
N LEU B 427 20.09 -22.61 12.55
CA LEU B 427 19.64 -22.14 11.26
C LEU B 427 20.81 -21.91 10.32
N THR B 428 20.58 -22.18 9.03
CA THR B 428 21.58 -22.03 7.99
C THR B 428 21.09 -21.06 6.94
N SER B 429 22.02 -20.32 6.34
CA SER B 429 21.70 -19.42 5.25
C SER B 429 21.75 -20.17 3.91
N LEU B 430 21.14 -19.57 2.89
CA LEU B 430 21.18 -20.16 1.57
C LEU B 430 22.59 -20.21 1.01
N SER B 431 23.42 -19.22 1.33
CA SER B 431 24.77 -19.17 0.79
C SER B 431 25.65 -20.28 1.36
N GLU B 432 25.62 -20.45 2.69
CA GLU B 432 26.48 -21.46 3.30
C GLU B 432 25.94 -22.87 3.07
N TYR B 433 24.63 -23.02 2.86
CA TYR B 433 24.10 -24.32 2.44
C TYR B 433 24.66 -24.71 1.08
N ALA B 434 24.75 -23.76 0.15
CA ALA B 434 25.35 -24.01 -1.15
C ALA B 434 26.84 -24.24 -1.08
N SER B 435 27.49 -23.90 0.04
CA SER B 435 28.92 -24.08 0.17
C SER B 435 29.31 -25.53 0.41
N ARG B 436 28.42 -26.33 1.01
CA ARG B 436 28.74 -27.70 1.40
C ARG B 436 28.01 -28.72 0.53
N MET B 437 27.73 -28.38 -0.72
CA MET B 437 27.12 -29.33 -1.64
C MET B 437 28.18 -30.24 -2.23
N ARG B 438 27.74 -31.15 -3.10
CA ARG B 438 28.66 -32.05 -3.78
C ARG B 438 29.43 -31.30 -4.87
N ALA B 439 30.25 -32.04 -5.61
CA ALA B 439 31.08 -31.42 -6.64
C ALA B 439 30.25 -30.82 -7.75
N GLY B 440 29.21 -31.51 -8.19
CA GLY B 440 28.44 -31.06 -9.34
C GLY B 440 26.94 -31.17 -9.23
N THR B 441 26.40 -31.00 -8.03
CA THR B 441 24.95 -31.07 -7.82
C THR B 441 24.37 -29.66 -7.93
N ARG B 442 23.68 -29.39 -9.02
CA ARG B 442 23.03 -28.09 -9.25
C ARG B 442 21.57 -28.12 -8.83
N ASN B 443 21.30 -28.53 -7.60
CA ASN B 443 19.93 -28.64 -7.10
C ASN B 443 19.92 -28.38 -5.60
N ILE B 444 19.15 -27.38 -5.19
CA ILE B 444 18.94 -27.08 -3.78
C ILE B 444 17.62 -27.69 -3.36
N TYR B 445 17.66 -28.55 -2.34
CA TYR B 445 16.48 -29.28 -1.89
C TYR B 445 15.93 -28.67 -0.62
N TYR B 446 14.63 -28.37 -0.62
CA TYR B 446 13.95 -27.83 0.55
C TYR B 446 12.65 -28.59 0.76
N LEU B 447 12.28 -28.74 2.04
CA LEU B 447 11.07 -29.45 2.41
C LEU B 447 10.25 -28.56 3.35
N CYS B 448 8.94 -28.56 3.15
CA CYS B 448 8.02 -27.73 3.92
C CYS B 448 7.29 -28.59 4.94
N ALA B 449 7.38 -28.21 6.21
CA ALA B 449 6.71 -28.90 7.30
C ALA B 449 6.71 -27.99 8.52
N PRO B 450 5.69 -28.08 9.38
CA PRO B 450 5.64 -27.16 10.53
C PRO B 450 6.84 -27.25 11.45
N ASN B 451 7.41 -28.45 11.66
CA ASN B 451 8.56 -28.61 12.53
C ASN B 451 9.52 -29.62 11.93
N ARG B 452 10.72 -29.67 12.51
CA ARG B 452 11.72 -30.65 12.10
C ARG B 452 11.24 -32.07 12.39
N HIS B 453 10.58 -32.26 13.54
CA HIS B 453 10.07 -33.59 13.88
C HIS B 453 9.06 -34.07 12.84
N LEU B 454 8.17 -33.18 12.40
CA LEU B 454 7.22 -33.49 11.35
C LEU B 454 7.87 -33.46 9.97
N ALA B 455 9.08 -32.93 9.84
CA ALA B 455 9.82 -32.98 8.58
C ALA B 455 10.76 -34.16 8.53
N GLU B 456 11.41 -34.49 9.64
CA GLU B 456 12.27 -35.66 9.68
C GLU B 456 11.47 -36.94 9.45
N HIS B 457 10.27 -37.01 10.02
CA HIS B 457 9.41 -38.17 9.89
C HIS B 457 8.46 -38.08 8.70
N SER B 458 8.57 -37.03 7.90
CA SER B 458 7.71 -36.90 6.73
C SER B 458 8.04 -37.98 5.71
N PRO B 459 7.04 -38.55 5.03
CA PRO B 459 7.32 -39.58 4.03
C PRO B 459 8.20 -39.09 2.88
N TYR B 460 8.06 -37.82 2.49
CA TYR B 460 8.89 -37.31 1.40
C TYR B 460 10.35 -37.26 1.77
N TYR B 461 10.67 -36.84 3.00
CA TYR B 461 12.05 -36.87 3.46
C TYR B 461 12.55 -38.31 3.60
N GLU B 462 11.67 -39.24 3.98
CA GLU B 462 12.06 -40.65 4.05
C GLU B 462 12.47 -41.17 2.68
N ALA B 463 11.75 -40.77 1.63
CA ALA B 463 12.13 -41.17 0.28
C ALA B 463 13.46 -40.59 -0.14
N MET B 464 13.85 -39.44 0.44
CA MET B 464 15.14 -38.83 0.13
C MET B 464 16.30 -39.48 0.88
N LYS B 465 16.02 -40.36 1.84
CA LYS B 465 17.11 -41.05 2.53
C LYS B 465 17.86 -41.98 1.60
N LYS B 466 17.25 -42.37 0.47
CA LYS B 466 17.97 -43.13 -0.55
C LYS B 466 19.15 -42.34 -1.10
N LYS B 467 18.93 -41.06 -1.37
CA LYS B 467 20.02 -40.17 -1.78
C LYS B 467 20.79 -39.68 -0.55
N ASP B 468 21.95 -39.09 -0.80
CA ASP B 468 22.78 -38.49 0.25
C ASP B 468 23.00 -37.03 -0.11
N THR B 469 22.04 -36.19 0.26
CA THR B 469 22.11 -34.75 0.03
C THR B 469 21.55 -34.04 1.25
N GLU B 470 22.06 -32.82 1.49
CA GLU B 470 21.53 -31.99 2.56
C GLU B 470 20.28 -31.27 2.06
N VAL B 471 19.24 -31.27 2.89
CA VAL B 471 17.95 -30.69 2.52
C VAL B 471 17.54 -29.69 3.58
N LEU B 472 17.04 -28.53 3.14
CA LEU B 472 16.55 -27.52 4.05
C LEU B 472 15.12 -27.82 4.47
N PHE B 473 14.74 -27.33 5.65
CA PHE B 473 13.41 -27.50 6.19
C PHE B 473 12.72 -26.14 6.28
N CYS B 474 11.52 -26.05 5.71
CA CYS B 474 10.74 -24.82 5.70
C CYS B 474 9.64 -24.93 6.74
N PHE B 475 9.70 -24.10 7.78
CA PHE B 475 8.74 -24.14 8.88
C PHE B 475 7.68 -23.05 8.77
N GLU B 476 8.08 -21.81 8.53
CA GLU B 476 7.15 -20.69 8.57
C GLU B 476 6.22 -20.70 7.37
N GLN B 477 5.13 -19.96 7.50
CA GLN B 477 4.12 -19.87 6.46
C GLN B 477 4.61 -18.99 5.32
N PHE B 478 4.07 -19.22 4.13
CA PHE B 478 4.43 -18.55 2.89
C PHE B 478 5.89 -18.77 2.50
N ASP B 479 6.58 -19.71 3.15
CA ASP B 479 7.97 -19.98 2.80
C ASP B 479 8.06 -20.80 1.52
N GLU B 480 7.12 -21.71 1.30
CA GLU B 480 7.13 -22.50 0.07
C GLU B 480 6.94 -21.61 -1.15
N LEU B 481 6.05 -20.61 -1.05
CA LEU B 481 5.87 -19.67 -2.16
C LEU B 481 7.11 -18.85 -2.41
N THR B 482 7.85 -18.51 -1.35
CA THR B 482 9.06 -17.71 -1.50
C THR B 482 10.12 -18.44 -2.33
N LEU B 483 10.33 -19.73 -2.05
CA LEU B 483 11.31 -20.49 -2.81
C LEU B 483 10.90 -20.65 -4.26
N LEU B 484 9.59 -20.81 -4.52
CA LEU B 484 9.12 -20.94 -5.90
C LEU B 484 9.39 -19.67 -6.70
N HIS B 485 9.14 -18.50 -6.10
CA HIS B 485 9.37 -17.25 -6.81
C HIS B 485 10.86 -17.01 -7.05
N LEU B 486 11.70 -17.34 -6.06
CA LEU B 486 13.14 -17.24 -6.26
C LEU B 486 13.60 -18.18 -7.37
N ARG B 487 13.22 -19.46 -7.27
CA ARG B 487 13.31 -20.44 -8.35
C ARG B 487 14.74 -20.87 -8.67
N GLU B 488 15.72 -20.14 -8.12
CA GLU B 488 17.13 -20.49 -8.29
C GLU B 488 17.97 -19.53 -7.47
N PHE B 489 19.10 -20.03 -6.99
CA PHE B 489 20.00 -19.25 -6.15
C PHE B 489 21.44 -19.62 -6.45
N ASP B 490 22.26 -18.61 -6.71
CA ASP B 490 23.68 -18.80 -7.01
C ASP B 490 23.88 -19.77 -8.17
N LYS B 491 23.01 -19.67 -9.17
CA LYS B 491 23.00 -20.53 -10.35
C LYS B 491 22.75 -21.99 -10.02
N LYS B 492 22.13 -22.27 -8.86
CA LYS B 492 21.61 -23.60 -8.55
C LYS B 492 20.09 -23.51 -8.43
N LYS B 493 19.41 -24.44 -9.10
CA LYS B 493 17.95 -24.46 -9.07
C LYS B 493 17.45 -24.84 -7.68
N LEU B 494 16.27 -24.33 -7.34
CA LEU B 494 15.59 -24.65 -6.09
C LEU B 494 14.53 -25.71 -6.39
N ILE B 495 14.83 -26.96 -6.07
CA ILE B 495 13.93 -28.09 -6.32
C ILE B 495 13.42 -28.58 -4.99
N SER B 496 12.10 -28.57 -4.82
CA SER B 496 11.50 -29.06 -3.59
C SER B 496 11.62 -30.58 -3.52
N VAL B 497 11.46 -31.10 -2.30
CA VAL B 497 11.54 -32.55 -2.10
C VAL B 497 10.42 -33.25 -2.87
N GLU B 498 9.21 -32.70 -2.81
CA GLU B 498 8.09 -33.31 -3.52
C GLU B 498 8.33 -33.32 -5.03
N THR B 499 8.89 -32.22 -5.56
CA THR B 499 9.14 -32.15 -7.00
C THR B 499 10.17 -33.17 -7.44
N ASP B 500 11.22 -33.40 -6.62
CA ASP B 500 12.26 -34.33 -7.00
C ASP B 500 11.77 -35.78 -7.02
N ILE B 501 10.66 -36.08 -6.34
CA ILE B 501 10.12 -37.43 -6.36
C ILE B 501 9.60 -37.80 -7.75
N VAL B 502 8.81 -36.91 -8.36
CA VAL B 502 8.19 -37.23 -9.63
C VAL B 502 9.23 -37.29 -10.75
N VAL B 503 10.26 -36.45 -10.68
CA VAL B 503 11.29 -36.45 -11.72
C VAL B 503 12.18 -37.67 -11.61
N ASP B 504 12.19 -38.36 -10.48
CA ASP B 504 13.03 -39.53 -10.29
C ASP B 504 12.18 -40.75 -9.96
N CYS B 520 7.87 -57.95 1.85
CA CYS B 520 7.48 -57.22 0.65
C CYS B 520 6.36 -57.96 -0.08
N LEU B 521 5.96 -57.42 -1.23
CA LEU B 521 4.89 -58.00 -2.04
C LEU B 521 5.46 -58.46 -3.38
N SER B 522 4.98 -59.61 -3.84
CA SER B 522 5.42 -60.11 -5.14
C SER B 522 4.81 -59.29 -6.27
N GLU B 523 5.38 -59.45 -7.46
CA GLU B 523 4.97 -58.64 -8.60
C GLU B 523 3.52 -58.90 -8.99
N LYS B 524 3.10 -60.17 -8.97
CA LYS B 524 1.76 -60.51 -9.45
C LYS B 524 0.68 -59.93 -8.52
N GLU B 525 0.82 -60.16 -7.21
CA GLU B 525 -0.26 -59.80 -6.29
C GLU B 525 -0.47 -58.29 -6.22
N THR B 526 0.57 -57.50 -6.48
CA THR B 526 0.44 -56.05 -6.38
C THR B 526 -0.42 -55.49 -7.50
N GLU B 527 -0.44 -56.16 -8.66
CA GLU B 527 -1.09 -55.57 -9.83
C GLU B 527 -2.60 -55.44 -9.65
N GLU B 528 -3.26 -56.52 -9.22
CA GLU B 528 -4.72 -56.43 -9.03
C GLU B 528 -5.06 -55.53 -7.85
N LEU B 529 -4.20 -55.48 -6.84
CA LEU B 529 -4.38 -54.50 -5.77
C LEU B 529 -4.12 -53.09 -6.30
N MET B 530 -3.19 -52.95 -7.24
CA MET B 530 -2.94 -51.67 -7.88
C MET B 530 -4.16 -51.19 -8.64
N ALA B 531 -4.74 -52.07 -9.46
CA ALA B 531 -5.87 -51.68 -10.30
C ALA B 531 -7.14 -51.48 -9.48
N TRP B 532 -7.33 -52.28 -8.43
CA TRP B 532 -8.58 -52.22 -7.67
C TRP B 532 -8.71 -50.88 -6.95
N MET B 533 -7.61 -50.33 -6.45
CA MET B 533 -7.66 -49.01 -5.81
C MET B 533 -8.10 -47.94 -6.80
N ARG B 534 -7.61 -48.02 -8.05
CA ARG B 534 -8.02 -47.06 -9.07
C ARG B 534 -9.52 -47.18 -9.37
N ASN B 535 -10.08 -48.37 -9.26
CA ASN B 535 -11.51 -48.54 -9.47
C ASN B 535 -12.32 -47.80 -8.41
N VAL B 536 -11.89 -47.86 -7.15
CA VAL B 536 -12.63 -47.22 -6.07
C VAL B 536 -12.23 -45.76 -5.88
N LEU B 537 -11.03 -45.37 -6.33
CA LEU B 537 -10.56 -43.99 -6.22
C LEU B 537 -10.47 -43.31 -7.59
N GLY B 538 -11.31 -43.73 -8.54
CA GLY B 538 -11.23 -43.18 -9.88
C GLY B 538 -11.47 -41.68 -9.92
N SER B 539 -12.42 -41.21 -9.12
CA SER B 539 -12.74 -39.78 -9.09
C SER B 539 -11.73 -38.97 -8.28
N ARG B 540 -10.82 -39.62 -7.56
CA ARG B 540 -9.88 -38.93 -6.68
C ARG B 540 -8.45 -38.97 -7.18
N VAL B 541 -7.92 -40.16 -7.45
CA VAL B 541 -6.53 -40.32 -7.86
C VAL B 541 -6.47 -40.51 -9.37
N THR B 542 -5.40 -40.01 -9.99
CA THR B 542 -5.18 -40.19 -11.42
C THR B 542 -4.36 -41.45 -11.69
N ASN B 543 -3.18 -41.55 -11.08
CA ASN B 543 -2.31 -42.69 -11.26
C ASN B 543 -1.74 -43.11 -9.92
N VAL B 544 -1.61 -44.41 -9.72
CA VAL B 544 -0.97 -44.98 -8.53
C VAL B 544 0.13 -45.92 -9.00
N LYS B 545 1.33 -45.76 -8.44
CA LYS B 545 2.46 -46.57 -8.87
C LYS B 545 3.32 -46.93 -7.66
N VAL B 546 4.05 -48.04 -7.80
CA VAL B 546 4.84 -48.57 -6.70
C VAL B 546 6.06 -47.68 -6.44
N THR B 547 6.38 -47.50 -5.16
CA THR B 547 7.55 -46.73 -4.74
C THR B 547 8.29 -47.52 -3.67
N LEU B 548 9.48 -48.01 -4.01
CA LEU B 548 10.27 -48.78 -3.06
C LEU B 548 11.04 -47.89 -2.08
N ARG B 549 11.04 -46.57 -2.28
CA ARG B 549 11.78 -45.69 -1.40
C ARG B 549 11.16 -45.64 0.00
N LEU B 550 9.84 -45.70 0.08
CA LEU B 550 9.16 -45.62 1.36
C LEU B 550 9.44 -46.85 2.21
N ASP B 551 9.65 -46.62 3.51
CA ASP B 551 9.93 -47.70 4.44
C ASP B 551 8.90 -47.79 5.56
N THR B 552 8.55 -46.67 6.18
CA THR B 552 7.63 -46.67 7.31
C THR B 552 6.35 -45.89 7.02
N HIS B 553 6.00 -45.69 5.75
CA HIS B 553 4.79 -44.97 5.37
C HIS B 553 4.00 -45.83 4.41
N PRO B 554 2.74 -46.15 4.72
CA PRO B 554 1.96 -47.01 3.80
C PRO B 554 1.76 -46.42 2.42
N ALA B 555 1.62 -45.10 2.32
CA ALA B 555 1.33 -44.49 1.03
C ALA B 555 1.85 -43.05 1.02
N MET B 556 1.97 -42.51 -0.19
CA MET B 556 2.42 -41.15 -0.41
C MET B 556 1.77 -40.61 -1.67
N VAL B 557 1.44 -39.32 -1.67
CA VAL B 557 0.83 -38.67 -2.82
C VAL B 557 1.80 -37.62 -3.35
N THR B 558 2.04 -37.63 -4.65
CA THR B 558 2.98 -36.71 -5.29
C THR B 558 2.26 -35.92 -6.37
N VAL B 559 2.55 -34.63 -6.42
CA VAL B 559 1.98 -33.73 -7.42
C VAL B 559 3.13 -33.10 -8.20
N LEU B 560 2.86 -32.79 -9.47
CA LEU B 560 3.87 -32.16 -10.31
C LEU B 560 4.30 -30.82 -9.73
N GLU B 561 3.36 -29.87 -9.65
CA GLU B 561 3.62 -28.59 -9.01
C GLU B 561 3.04 -28.60 -7.59
N MET B 562 3.75 -29.32 -6.71
CA MET B 562 3.29 -29.47 -5.34
C MET B 562 3.27 -28.13 -4.61
N GLY B 563 4.31 -27.31 -4.80
CA GLY B 563 4.34 -26.01 -4.16
C GLY B 563 3.19 -25.12 -4.62
N ALA B 564 2.90 -25.13 -5.92
CA ALA B 564 1.75 -24.39 -6.41
C ALA B 564 0.44 -24.98 -5.90
N ALA B 565 0.37 -26.32 -5.83
CA ALA B 565 -0.84 -26.96 -5.33
C ALA B 565 -1.09 -26.60 -3.87
N ARG B 566 -0.04 -26.60 -3.05
CA ARG B 566 -0.17 -26.16 -1.67
C ARG B 566 -0.56 -24.69 -1.60
N HIS B 567 0.02 -23.87 -2.47
CA HIS B 567 -0.39 -22.47 -2.57
C HIS B 567 -1.83 -22.35 -3.04
N PHE B 568 -2.25 -23.23 -3.95
CA PHE B 568 -3.60 -23.14 -4.51
C PHE B 568 -4.66 -23.41 -3.45
N LEU B 569 -4.53 -24.52 -2.72
CA LEU B 569 -5.58 -24.98 -1.82
C LEU B 569 -5.58 -24.28 -0.47
N ARG B 570 -4.53 -23.52 -0.13
CA ARG B 570 -4.44 -22.95 1.20
C ARG B 570 -5.18 -21.61 1.30
N MET B 571 -4.78 -20.64 0.48
CA MET B 571 -5.37 -19.30 0.56
C MET B 571 -6.52 -19.12 -0.42
N GLN B 572 -6.26 -19.26 -1.72
CA GLN B 572 -7.30 -19.04 -2.71
C GLN B 572 -8.23 -20.24 -2.87
N GLN B 573 -7.83 -21.41 -2.38
CA GLN B 573 -8.65 -22.62 -2.45
C GLN B 573 -9.13 -22.92 -3.87
N GLN B 578 -14.32 -32.57 -3.47
CA GLN B 578 -13.22 -33.52 -3.62
C GLN B 578 -13.03 -33.91 -5.08
N GLU B 579 -14.13 -34.27 -5.74
CA GLU B 579 -14.07 -34.62 -7.16
C GLU B 579 -13.63 -33.42 -8.00
N GLU B 580 -14.15 -32.24 -7.69
CA GLU B 580 -13.74 -31.03 -8.41
C GLU B 580 -12.28 -30.69 -8.14
N ARG B 581 -11.82 -30.92 -6.91
CA ARG B 581 -10.41 -30.68 -6.59
C ARG B 581 -9.50 -31.61 -7.37
N ALA B 582 -9.89 -32.87 -7.52
CA ALA B 582 -9.03 -33.86 -8.18
C ALA B 582 -8.89 -33.57 -9.67
N GLN B 583 -9.90 -32.95 -10.30
CA GLN B 583 -9.84 -32.65 -11.72
C GLN B 583 -8.77 -31.63 -12.07
N LEU B 584 -8.31 -30.84 -11.10
CA LEU B 584 -7.32 -29.80 -11.33
C LEU B 584 -5.99 -30.07 -10.67
N LEU B 585 -5.98 -30.81 -9.55
CA LEU B 585 -4.74 -31.04 -8.81
C LEU B 585 -3.95 -32.20 -9.40
N GLN B 586 -4.62 -33.22 -9.95
CA GLN B 586 -4.01 -34.47 -10.41
C GLN B 586 -3.21 -35.12 -9.29
N PRO B 587 -3.88 -35.69 -8.29
CA PRO B 587 -3.16 -36.26 -7.14
C PRO B 587 -2.59 -37.64 -7.42
N THR B 588 -1.40 -37.72 -8.02
CA THR B 588 -0.75 -39.00 -8.29
C THR B 588 -0.32 -39.62 -6.97
N LEU B 589 -1.02 -40.67 -6.54
CA LEU B 589 -0.71 -41.35 -5.30
C LEU B 589 0.32 -42.45 -5.54
N GLU B 590 1.06 -42.79 -4.48
CA GLU B 590 2.01 -43.89 -4.51
C GLU B 590 1.81 -44.75 -3.25
N ILE B 591 2.13 -46.03 -3.38
CA ILE B 591 1.98 -46.98 -2.28
C ILE B 591 3.34 -47.64 -2.00
N ASN B 592 3.46 -48.17 -0.79
CA ASN B 592 4.67 -48.89 -0.37
C ASN B 592 4.30 -50.34 -0.08
N PRO B 593 4.60 -51.27 -0.99
CA PRO B 593 4.24 -52.68 -0.75
C PRO B 593 4.90 -53.27 0.48
N ARG B 594 6.12 -52.83 0.82
CA ARG B 594 6.81 -53.37 1.98
C ARG B 594 6.13 -53.00 3.30
N HIS B 595 5.29 -51.96 3.29
CA HIS B 595 4.60 -51.55 4.51
C HIS B 595 3.59 -52.61 4.93
N ALA B 596 3.43 -52.76 6.26
CA ALA B 596 2.52 -53.77 6.79
C ALA B 596 1.08 -53.49 6.39
N LEU B 597 0.67 -52.22 6.42
CA LEU B 597 -0.72 -51.88 6.12
C LEU B 597 -1.08 -52.24 4.67
N ILE B 598 -0.17 -51.96 3.73
CA ILE B 598 -0.41 -52.34 2.35
C ILE B 598 -0.44 -53.86 2.21
N LYS B 599 0.46 -54.56 2.93
CA LYS B 599 0.42 -56.01 2.95
C LYS B 599 -0.89 -56.51 3.56
N LYS B 600 -1.40 -55.82 4.57
CA LYS B 600 -2.68 -56.17 5.17
C LYS B 600 -3.84 -56.00 4.19
N LEU B 601 -3.69 -55.14 3.18
CA LEU B 601 -4.74 -54.95 2.19
C LEU B 601 -4.94 -56.16 1.30
N ASN B 602 -4.03 -57.14 1.34
CA ASN B 602 -4.20 -58.35 0.54
C ASN B 602 -5.44 -59.12 0.95
N GLN B 603 -5.47 -59.61 2.19
CA GLN B 603 -6.59 -60.43 2.64
C GLN B 603 -7.84 -59.61 2.93
N LEU B 604 -7.68 -58.37 3.41
CA LEU B 604 -8.85 -57.54 3.66
C LEU B 604 -9.57 -57.14 2.38
N ARG B 605 -8.90 -57.19 1.23
CA ARG B 605 -9.59 -56.88 -0.02
C ARG B 605 -10.53 -58.00 -0.43
N ALA B 606 -10.25 -59.24 -0.01
CA ALA B 606 -11.07 -60.39 -0.36
C ALA B 606 -11.90 -60.92 0.81
N SER B 607 -11.31 -61.00 2.01
CA SER B 607 -12.05 -61.55 3.13
C SER B 607 -13.09 -60.58 3.67
N GLU B 608 -12.76 -59.28 3.70
CA GLU B 608 -13.65 -58.24 4.19
C GLU B 608 -13.72 -57.12 3.16
N PRO B 609 -14.40 -57.36 2.04
CA PRO B 609 -14.42 -56.34 0.97
C PRO B 609 -14.97 -55.00 1.43
N GLY B 610 -16.00 -55.00 2.27
CA GLY B 610 -16.55 -53.74 2.75
C GLY B 610 -15.53 -52.89 3.48
N LEU B 611 -14.71 -53.51 4.31
CA LEU B 611 -13.69 -52.77 5.05
C LEU B 611 -12.56 -52.30 4.14
N ALA B 612 -12.33 -52.99 3.03
CA ALA B 612 -11.21 -52.66 2.16
C ALA B 612 -11.37 -51.29 1.53
N GLN B 613 -12.56 -50.97 1.01
CA GLN B 613 -12.76 -49.66 0.40
C GLN B 613 -12.60 -48.54 1.41
N LEU B 614 -13.16 -48.73 2.61
CA LEU B 614 -13.10 -47.70 3.63
C LEU B 614 -11.67 -47.46 4.11
N LEU B 615 -10.90 -48.54 4.26
CA LEU B 615 -9.50 -48.39 4.69
C LEU B 615 -8.68 -47.68 3.62
N VAL B 616 -8.92 -47.99 2.35
CA VAL B 616 -8.19 -47.33 1.27
C VAL B 616 -8.51 -45.84 1.25
N ASP B 617 -9.76 -45.48 1.51
CA ASP B 617 -10.11 -44.06 1.62
C ASP B 617 -9.33 -43.41 2.75
N GLN B 618 -9.18 -44.10 3.88
CA GLN B 618 -8.35 -43.59 4.96
C GLN B 618 -6.89 -43.50 4.53
N ILE B 619 -6.39 -44.53 3.84
CA ILE B 619 -5.01 -44.51 3.36
C ILE B 619 -4.81 -43.38 2.36
N TYR B 620 -5.77 -43.21 1.44
CA TYR B 620 -5.68 -42.13 0.47
C TYR B 620 -5.74 -40.77 1.16
N GLU B 621 -6.61 -40.62 2.16
CA GLU B 621 -6.72 -39.35 2.87
C GLU B 621 -5.47 -39.08 3.71
N ASN B 622 -4.87 -40.13 4.28
CA ASN B 622 -3.69 -39.95 5.11
C ASN B 622 -2.54 -39.38 4.31
N ALA B 623 -2.41 -39.79 3.04
CA ALA B 623 -1.36 -39.24 2.18
C ALA B 623 -1.57 -37.75 1.96
N MET B 624 -2.83 -37.31 1.82
CA MET B 624 -3.12 -35.90 1.63
C MET B 624 -2.67 -35.08 2.84
N ILE B 625 -2.92 -35.59 4.05
CA ILE B 625 -2.50 -34.87 5.24
C ILE B 625 -0.98 -34.75 5.28
N ALA B 626 -0.28 -35.83 4.95
CA ALA B 626 1.18 -35.75 4.85
C ALA B 626 1.60 -34.74 3.79
N ALA B 627 0.81 -34.60 2.72
CA ALA B 627 1.07 -33.57 1.72
C ALA B 627 0.52 -32.20 2.13
N GLY B 628 -0.33 -32.14 3.15
CA GLY B 628 -0.91 -30.87 3.53
C GLY B 628 -1.92 -30.31 2.55
N LEU B 629 -2.55 -31.18 1.77
CA LEU B 629 -3.52 -30.77 0.76
C LEU B 629 -4.97 -30.90 1.21
N VAL B 630 -5.19 -31.19 2.49
CA VAL B 630 -6.54 -31.31 3.01
C VAL B 630 -7.08 -29.92 3.35
N ASP B 631 -8.20 -29.55 2.74
CA ASP B 631 -8.77 -28.23 2.99
C ASP B 631 -9.46 -28.17 4.36
N ASP B 632 -10.20 -29.22 4.72
CA ASP B 632 -10.91 -29.27 5.98
C ASP B 632 -10.95 -30.71 6.45
N PRO B 633 -10.07 -31.09 7.38
CA PRO B 633 -10.08 -32.47 7.91
C PRO B 633 -11.29 -32.81 8.76
N ARG B 634 -12.23 -31.88 8.95
CA ARG B 634 -13.42 -32.18 9.74
C ARG B 634 -14.33 -33.19 9.05
N ALA B 635 -14.26 -33.30 7.73
CA ALA B 635 -15.10 -34.27 7.03
C ALA B 635 -14.56 -35.69 7.16
N MET B 636 -13.23 -35.85 7.18
CA MET B 636 -12.63 -37.18 7.16
C MET B 636 -12.71 -37.89 8.51
N VAL B 637 -12.83 -37.15 9.61
CA VAL B 637 -12.85 -37.80 10.93
C VAL B 637 -14.11 -38.62 11.09
N GLY B 638 -15.23 -38.17 10.53
CA GLY B 638 -16.45 -38.96 10.58
C GLY B 638 -16.28 -40.32 9.93
N ARG B 639 -15.63 -40.34 8.76
CA ARG B 639 -15.31 -41.62 8.14
C ARG B 639 -14.25 -42.36 8.93
N LEU B 640 -13.29 -41.64 9.51
CA LEU B 640 -12.24 -42.26 10.30
C LEU B 640 -12.80 -42.93 11.54
N ASN B 641 -13.69 -42.23 12.26
CA ASN B 641 -14.24 -42.77 13.50
C ASN B 641 -15.09 -44.00 13.23
N GLU B 642 -15.92 -43.96 12.19
CA GLU B 642 -16.74 -45.12 11.87
C GLU B 642 -15.93 -46.24 11.23
N LEU B 643 -14.76 -45.93 10.68
CA LEU B 643 -13.83 -46.97 10.25
C LEU B 643 -13.37 -47.81 11.43
N LEU B 644 -13.01 -47.16 12.54
CA LEU B 644 -12.48 -47.87 13.70
C LEU B 644 -13.54 -48.72 14.39
N VAL B 645 -14.82 -48.47 14.12
CA VAL B 645 -15.88 -49.32 14.67
C VAL B 645 -15.76 -50.73 14.12
N LYS B 646 -15.59 -50.86 12.80
CA LYS B 646 -15.54 -52.17 12.16
C LYS B 646 -14.13 -52.66 11.91
N ALA B 647 -13.12 -51.80 11.98
CA ALA B 647 -11.74 -52.25 11.82
C ALA B 647 -11.34 -53.20 12.94
N LEU B 648 -11.75 -52.90 14.17
CA LEU B 648 -11.39 -53.70 15.34
C LEU B 648 -12.61 -54.24 16.08
N GLU B 649 -13.75 -54.38 15.38
CA GLU B 649 -14.96 -54.86 16.03
C GLU B 649 -14.84 -56.30 16.54
N ARG B 650 -13.90 -57.08 15.99
CA ARG B 650 -13.72 -58.45 16.45
C ARG B 650 -12.98 -58.54 17.78
N HIS B 651 -12.31 -57.46 18.20
CA HIS B 651 -11.59 -57.46 19.47
C HIS B 651 -12.56 -57.45 20.64
MG MG C . -3.49 22.88 -21.17
K K D . 0.70 30.45 -21.36
PG ANP E . -3.06 24.61 -18.35
O1G ANP E . -4.02 23.73 -17.62
O2G ANP E . -1.80 24.87 -17.44
O3G ANP E . -2.61 23.90 -19.68
PB ANP E . -3.84 26.32 -20.38
O1B ANP E . -3.85 25.00 -21.08
O2B ANP E . -5.13 27.10 -20.75
N3B ANP E . -3.80 26.08 -18.72
PA ANP E . -1.44 26.48 -21.66
O1A ANP E . -0.13 26.67 -21.00
O2A ANP E . -1.84 25.01 -21.86
O3A ANP E . -2.61 27.15 -20.83
O5' ANP E . -1.42 27.25 -23.03
C5' ANP E . -1.49 28.69 -23.06
C4' ANP E . -2.71 29.09 -23.85
O4' ANP E . -2.41 29.02 -25.26
C3' ANP E . -3.94 28.21 -23.67
O3' ANP E . -4.69 28.62 -22.53
C2' ANP E . -4.70 28.42 -24.97
O2' ANP E . -5.49 29.59 -24.93
C1' ANP E . -3.55 28.60 -25.98
N9 ANP E . -3.22 27.38 -26.71
C8 ANP E . -2.28 26.45 -26.37
N7 ANP E . -2.18 25.44 -27.21
C5 ANP E . -3.13 25.74 -28.17
C6 ANP E . -3.54 25.07 -29.34
N6 ANP E . -3.01 23.91 -29.76
N1 ANP E . -4.52 25.63 -30.08
C2 ANP E . -5.05 26.78 -29.67
N3 ANP E . -4.75 27.51 -28.59
C4 ANP E . -3.78 26.93 -27.87
MG MG F . 12.34 29.51 1.41
K K G . 10.73 35.83 -4.40
PG ANP H . 12.03 28.86 -1.80
O1G ANP H . 12.53 27.47 -1.52
O2G ANP H . 10.80 28.77 -2.78
O3G ANP H . 11.56 29.53 -0.45
PB ANP H . 13.60 31.11 -1.55
O1B ANP H . 13.36 30.79 -0.12
O2B ANP H . 15.10 31.49 -1.74
N3B ANP H . 13.24 29.79 -2.50
PA ANP H . 11.51 32.78 -1.07
O1A ANP H . 10.25 32.79 -1.85
O2A ANP H . 11.49 31.87 0.15
O3A ANP H . 12.73 32.33 -1.98
O5' ANP H . 11.84 34.28 -0.69
C5' ANP H . 12.33 35.21 -1.67
C4' ANP H . 13.69 35.72 -1.23
O4' ANP H . 13.51 36.72 -0.21
C3' ANP H . 14.59 34.66 -0.60
O3' ANP H . 15.33 33.97 -1.60
C2' ANP H . 15.49 35.51 0.29
O2' ANP H . 16.60 36.05 -0.43
C1' ANP H . 14.55 36.63 0.74
N9 ANP H . 13.95 36.41 2.06
C8 ANP H . 12.74 35.85 2.32
N7 ANP H . 12.45 35.78 3.61
C5 ANP H . 13.56 36.35 4.22
C6 ANP H . 13.89 36.57 5.57
N6 ANP H . 13.09 36.25 6.59
N1 ANP H . 15.08 37.15 5.83
C2 ANP H . 15.88 37.48 4.82
N3 ANP H . 15.68 37.31 3.51
C4 ANP H . 14.50 36.74 3.28
#